data_4UIP
#
_entry.id   4UIP
#
_cell.length_a   66.790
_cell.length_b   88.340
_cell.length_c   189.210
_cell.angle_alpha   90.00
_cell.angle_beta   90.00
_cell.angle_gamma   90.00
#
_symmetry.space_group_name_H-M   'P 2 21 21'
#
loop_
_entity.id
_entity.type
_entity.pdbx_description
1 polymer 'EPIDERMAL GROWTH FACTOR RECEPTOR'
2 polymer 'REPEBODY (RAC1)'
3 branched 2-acetamido-2-deoxy-beta-D-glucopyranose-(1-4)-2-acetamido-2-deoxy-beta-D-glucopyranose
4 non-polymer 2-acetamido-2-deoxy-beta-D-glucopyranose
5 water water
#
loop_
_entity_poly.entity_id
_entity_poly.type
_entity_poly.pdbx_seq_one_letter_code
_entity_poly.pdbx_strand_id
1 'polypeptide(L)'
;EEKKVCQGTSNKLTQLGTFEDHFLSLQRMFNNCEVVLGNLEITYVQRNYDLSFLKTIQEVAGYVLIALNTVERIPLENLQ
IIRGNMYYENSYALAVLSNYDANKTGLKELPMRNLQEILHGAVRFSNNPALCNVESIQWRDIVSSDFLSNMSMDFQNHLG
SCQKCDPSCPNGSCWGAGEENCQKLTKIICAQQCSGRCRGKSPSDCCHNQCAAGCTGPRESDCLVCRKFRDEATCKDTCP
PLMLYNPTTYQMDVNPEGKYSFGATCVKKCPRNYVVTDHGSCVRACGADSYEMEEDGVRKCKKCEGPCRKVCNGIGIGEF
KDSLSINATNIKHFKNCTSISGDLHILPVAFRGDSFTHTPPLDPQELDILKTVKEITGFLLIQAWPENRTDLHAFENLEI
IRGRTKQHGQFSLAVVSLNITSLGLRSLKEISDGDVIISGNKNLCYANTINWKKLFGTSGQKTKIISNRGENSCKATGQV
CHALCSPEGCWGPEPRDCVSCRNVSRGRECVDKCNLLEGEPREFVENSECIQCHPECLPQAMNITCTGRGPDNCIQCAHY
IDGPHCVKTCPAGVMGENNTLVWKYADAGHVCHLCHPNCTYGCTGPGLEGCPHHHHHH
;
A
2 'polypeptide(L)'
;METITVSTPIKQIFPDDAFAETIKANLKKKSVTDAVTQNELNSIDQIIANNSDIKSVQGIQYLPNVRYLALGGNKLHDIS
ALKELTNLTYLMLHYNQLQILPNGVFDKLTNLKELYLSENQLQSLPDGVFDKLTNLTELDLARNQLQSLPKGVFDKLTQL
KDLRLYQNQLKSVPDGVFDRLTSLQYIWLHDNPWDCTCPGIRYLSEWINKHSGVVRNSAGSVAPDSAKCSGSGKPVRSII
CPTLEHHHHHH
;
B
#
# COMPACT_ATOMS: atom_id res chain seq x y z
N GLU A 1 24.66 -10.03 -37.29
CA GLU A 1 23.86 -8.80 -37.10
C GLU A 1 23.46 -8.55 -35.66
N GLU A 2 23.09 -9.64 -34.95
CA GLU A 2 22.83 -9.61 -33.53
C GLU A 2 24.19 -9.95 -33.16
N LYS A 3 24.69 -9.08 -32.27
CA LYS A 3 26.02 -8.90 -31.60
C LYS A 3 26.06 -9.46 -30.16
N LYS A 4 27.21 -9.33 -29.48
CA LYS A 4 27.44 -9.96 -28.17
C LYS A 4 27.55 -8.94 -27.04
N VAL A 5 26.65 -9.04 -26.07
CA VAL A 5 26.26 -7.92 -25.24
C VAL A 5 26.90 -7.93 -23.86
N CYS A 6 27.26 -6.75 -23.37
CA CYS A 6 28.05 -6.55 -22.15
C CYS A 6 27.26 -5.57 -21.32
N GLN A 7 27.14 -5.85 -20.02
CA GLN A 7 26.33 -5.01 -19.16
C GLN A 7 26.81 -3.56 -19.06
N GLY A 8 28.12 -3.38 -19.03
CA GLY A 8 28.69 -2.07 -18.81
C GLY A 8 29.10 -1.89 -17.38
N THR A 9 29.24 -0.64 -16.96
CA THR A 9 29.71 -0.29 -15.61
C THR A 9 29.34 1.15 -15.32
N SER A 10 29.31 1.51 -14.04
CA SER A 10 29.15 2.90 -13.62
C SER A 10 29.85 3.17 -12.28
N ASN A 11 31.13 2.77 -12.20
CA ASN A 11 31.98 2.99 -11.05
C ASN A 11 32.64 4.36 -11.10
N LYS A 12 32.77 4.91 -12.29
CA LYS A 12 33.50 6.16 -12.49
C LYS A 12 35.00 6.08 -12.04
N LEU A 13 35.38 6.94 -11.08
CA LEU A 13 36.77 7.07 -10.70
C LEU A 13 37.23 6.14 -9.56
N THR A 14 36.38 5.20 -9.19
CA THR A 14 36.68 4.25 -8.12
C THR A 14 37.65 3.17 -8.57
N GLN A 15 38.43 2.62 -7.62
CA GLN A 15 39.33 1.50 -7.87
C GLN A 15 39.02 0.30 -6.99
N LEU A 16 38.71 -0.82 -7.64
CA LEU A 16 38.53 -2.12 -6.97
C LEU A 16 39.87 -2.76 -6.52
N GLY A 17 40.37 -2.30 -5.39
CA GLY A 17 41.59 -2.85 -4.79
C GLY A 17 42.81 -2.65 -5.66
N THR A 18 43.57 -3.74 -5.83
CA THR A 18 44.85 -3.72 -6.57
C THR A 18 44.64 -3.34 -8.04
N PHE A 19 45.66 -2.71 -8.63
CA PHE A 19 45.63 -2.45 -10.04
C PHE A 19 45.31 -3.72 -10.82
N GLU A 20 45.91 -4.85 -10.39
CA GLU A 20 45.67 -6.16 -11.02
C GLU A 20 44.25 -6.69 -10.75
N ASP A 21 43.72 -6.44 -9.56
CA ASP A 21 42.32 -6.76 -9.25
C ASP A 21 41.37 -5.95 -10.16
N HIS A 22 41.63 -4.65 -10.23
CA HIS A 22 40.92 -3.73 -11.11
C HIS A 22 40.95 -4.18 -12.57
N PHE A 23 42.16 -4.44 -13.05
CA PHE A 23 42.35 -4.89 -14.41
C PHE A 23 41.55 -6.15 -14.63
N LEU A 24 41.88 -7.20 -13.89
CA LEU A 24 41.20 -8.51 -14.02
C LEU A 24 39.68 -8.40 -13.86
N SER A 25 39.24 -7.41 -13.09
CA SER A 25 37.83 -7.11 -13.00
C SER A 25 37.33 -6.51 -14.32
N LEU A 26 38.10 -5.60 -14.88
CA LEU A 26 37.75 -4.98 -16.16
C LEU A 26 37.73 -5.98 -17.32
N GLN A 27 38.76 -6.80 -17.41
CA GLN A 27 38.85 -7.81 -18.46
C GLN A 27 37.71 -8.83 -18.43
N ARG A 28 37.10 -9.01 -17.27
CA ARG A 28 36.00 -9.97 -17.12
C ARG A 28 34.69 -9.41 -17.65
N MET A 29 34.61 -8.08 -17.79
CA MET A 29 33.37 -7.39 -18.19
C MET A 29 33.28 -7.17 -19.70
N PHE A 30 34.42 -7.07 -20.35
CA PHE A 30 34.48 -6.68 -21.76
C PHE A 30 35.16 -7.71 -22.67
N ASN A 31 35.33 -8.93 -22.15
CA ASN A 31 35.92 -10.00 -22.93
C ASN A 31 34.91 -10.52 -23.95
N ASN A 32 35.30 -10.59 -25.23
CA ASN A 32 34.42 -11.07 -26.29
C ASN A 32 33.19 -10.15 -26.51
N CYS A 33 33.38 -8.87 -26.20
CA CYS A 33 32.31 -7.89 -26.14
C CYS A 33 32.17 -7.11 -27.41
N GLU A 34 30.93 -6.86 -27.84
CA GLU A 34 30.71 -6.04 -29.03
C GLU A 34 29.83 -4.85 -28.72
N VAL A 35 28.78 -5.09 -27.96
CA VAL A 35 27.89 -4.02 -27.57
C VAL A 35 27.89 -3.93 -26.07
N VAL A 36 27.98 -2.70 -25.57
CA VAL A 36 27.89 -2.45 -24.14
C VAL A 36 26.62 -1.66 -23.88
N LEU A 37 25.75 -2.22 -23.03
CA LEU A 37 24.45 -1.65 -22.77
C LEU A 37 24.50 -0.48 -21.79
N GLY A 38 25.44 -0.53 -20.85
CA GLY A 38 25.65 0.54 -19.90
C GLY A 38 26.67 1.55 -20.39
N ASN A 39 27.57 1.95 -19.50
CA ASN A 39 28.67 2.82 -19.85
C ASN A 39 29.93 1.98 -19.87
N LEU A 40 30.87 2.41 -20.71
CA LEU A 40 32.20 1.79 -20.78
C LEU A 40 33.26 2.63 -20.05
N GLU A 41 33.83 2.03 -19.00
CA GLU A 41 34.77 2.75 -18.14
C GLU A 41 36.13 2.05 -18.03
N ILE A 42 37.07 2.53 -18.82
CA ILE A 42 38.44 2.01 -18.77
C ILE A 42 39.25 2.88 -17.81
N THR A 43 39.75 2.24 -16.74
CA THR A 43 40.24 2.94 -15.56
C THR A 43 41.40 2.22 -14.88
N TYR A 44 42.38 3.00 -14.43
CA TYR A 44 43.52 2.52 -13.64
C TYR A 44 44.28 1.33 -14.25
N VAL A 45 44.40 1.32 -15.58
CA VAL A 45 45.16 0.30 -16.30
C VAL A 45 46.58 0.82 -16.46
N GLN A 46 47.55 -0.03 -16.11
CA GLN A 46 48.95 0.37 -16.07
C GLN A 46 49.69 -0.12 -17.30
N ARG A 47 50.95 0.29 -17.42
CA ARG A 47 51.77 -0.03 -18.58
C ARG A 47 51.98 -1.55 -18.76
N ASN A 48 52.18 -1.98 -19.99
CA ASN A 48 52.49 -3.38 -20.31
C ASN A 48 51.37 -4.38 -19.95
N TYR A 49 50.17 -3.86 -19.71
CA TYR A 49 48.98 -4.70 -19.63
C TYR A 49 48.32 -4.83 -21.00
N ASP A 50 47.95 -6.06 -21.35
CA ASP A 50 47.33 -6.36 -22.64
C ASP A 50 45.83 -6.03 -22.66
N LEU A 51 45.49 -4.88 -23.24
CA LEU A 51 44.10 -4.51 -23.47
C LEU A 51 43.68 -4.90 -24.88
N SER A 52 44.10 -6.08 -25.31
CA SER A 52 43.77 -6.60 -26.64
C SER A 52 42.26 -6.85 -26.77
N PHE A 53 41.62 -7.21 -25.66
CA PHE A 53 40.21 -7.62 -25.64
C PHE A 53 39.21 -6.49 -25.95
N LEU A 54 39.67 -5.24 -25.92
CA LEU A 54 38.83 -4.10 -26.17
C LEU A 54 38.55 -3.85 -27.64
N LYS A 55 39.31 -4.50 -28.53
CA LYS A 55 39.16 -4.35 -30.00
C LYS A 55 37.79 -4.83 -30.52
N THR A 56 37.18 -5.73 -29.76
CA THR A 56 35.96 -6.38 -30.15
C THR A 56 34.76 -5.44 -30.06
N ILE A 57 34.88 -4.38 -29.26
CA ILE A 57 33.76 -3.45 -29.03
C ILE A 57 33.39 -2.63 -30.27
N GLN A 58 32.09 -2.48 -30.52
CA GLN A 58 31.59 -1.82 -31.73
C GLN A 58 30.63 -0.67 -31.43
N GLU A 59 29.83 -0.85 -30.38
CA GLU A 59 28.90 0.23 -29.97
C GLU A 59 28.65 0.28 -28.48
N VAL A 60 28.40 1.48 -27.98
CA VAL A 60 28.13 1.69 -26.56
C VAL A 60 26.92 2.61 -26.42
N ALA A 61 26.02 2.21 -25.53
CA ALA A 61 24.76 2.90 -25.33
C ALA A 61 24.92 4.11 -24.41
N GLY A 62 25.68 3.92 -23.33
CA GLY A 62 25.88 4.97 -22.35
C GLY A 62 26.93 5.98 -22.72
N TYR A 63 27.88 6.21 -21.81
CA TYR A 63 29.02 7.08 -22.08
C TYR A 63 30.30 6.25 -22.03
N VAL A 64 31.36 6.84 -22.55
CA VAL A 64 32.68 6.21 -22.55
C VAL A 64 33.57 7.05 -21.63
N LEU A 65 34.22 6.36 -20.68
CA LEU A 65 35.15 6.99 -19.75
C LEU A 65 36.50 6.28 -19.78
N ILE A 66 37.54 7.03 -20.16
CA ILE A 66 38.90 6.54 -20.21
C ILE A 66 39.72 7.42 -19.29
N ALA A 67 39.93 6.97 -18.05
CA ALA A 67 40.49 7.81 -17.01
C ALA A 67 41.58 7.11 -16.21
N LEU A 68 42.63 7.89 -15.91
CA LEU A 68 43.68 7.45 -14.99
C LEU A 68 44.36 6.16 -15.42
N ASN A 69 44.66 6.03 -16.71
CA ASN A 69 45.41 4.87 -17.22
C ASN A 69 46.77 5.31 -17.69
N THR A 70 47.81 4.59 -17.24
CA THR A 70 49.19 4.89 -17.65
C THR A 70 49.65 3.91 -18.73
N VAL A 71 48.75 3.04 -19.17
CA VAL A 71 49.04 2.09 -20.23
C VAL A 71 49.34 2.89 -21.50
N GLU A 72 50.23 2.37 -22.34
CA GLU A 72 50.69 3.08 -23.53
C GLU A 72 49.59 3.20 -24.59
N ARG A 73 48.80 2.13 -24.73
CA ARG A 73 47.79 2.02 -25.80
C ARG A 73 46.48 1.39 -25.35
N ILE A 74 45.37 1.96 -25.83
CA ILE A 74 44.03 1.41 -25.63
C ILE A 74 43.39 1.15 -27.00
N PRO A 75 43.37 -0.12 -27.43
CA PRO A 75 42.98 -0.36 -28.81
C PRO A 75 41.46 -0.48 -28.99
N LEU A 76 40.79 0.67 -29.02
CA LEU A 76 39.37 0.72 -29.37
C LEU A 76 39.31 1.02 -30.87
N GLU A 77 39.82 0.07 -31.63
CA GLU A 77 39.97 0.17 -33.06
C GLU A 77 38.67 0.07 -33.86
N ASN A 78 37.62 -0.47 -33.23
CA ASN A 78 36.36 -0.76 -33.89
C ASN A 78 35.09 -0.11 -33.31
N LEU A 79 35.21 0.58 -32.18
CA LEU A 79 34.06 1.32 -31.65
C LEU A 79 33.50 2.27 -32.70
N GLN A 80 32.24 2.08 -33.08
CA GLN A 80 31.59 2.86 -34.16
C GLN A 80 30.68 3.98 -33.70
N ILE A 81 30.10 3.79 -32.52
CA ILE A 81 29.03 4.68 -32.06
C ILE A 81 28.85 4.75 -30.54
N ILE A 82 28.52 5.95 -30.06
CA ILE A 82 28.14 6.17 -28.68
C ILE A 82 26.76 6.84 -28.69
N ARG A 83 25.77 6.13 -28.16
CA ARG A 83 24.40 6.61 -28.16
C ARG A 83 24.26 7.77 -27.18
N GLY A 84 24.94 7.65 -26.04
CA GLY A 84 24.91 8.70 -25.04
C GLY A 84 23.65 8.75 -24.20
N ASN A 85 23.05 7.58 -23.97
CA ASN A 85 21.94 7.46 -23.05
C ASN A 85 22.24 8.20 -21.74
N MET A 86 23.42 7.89 -21.18
CA MET A 86 23.87 8.38 -19.90
C MET A 86 25.08 9.30 -20.12
N TYR A 87 25.14 10.42 -19.39
CA TYR A 87 26.31 11.31 -19.42
C TYR A 87 27.18 11.21 -18.16
N TYR A 88 28.50 11.25 -18.32
CA TYR A 88 29.45 11.28 -17.19
C TYR A 88 29.39 12.46 -16.17
N GLU A 89 29.53 13.71 -16.63
CA GLU A 89 29.30 14.86 -15.74
C GLU A 89 28.14 15.64 -16.30
N ASN A 90 27.19 14.88 -16.82
CA ASN A 90 25.95 15.39 -17.36
C ASN A 90 26.16 16.40 -18.47
N SER A 91 27.32 16.29 -19.11
CA SER A 91 27.50 16.89 -20.42
C SER A 91 28.16 15.94 -21.44
N TYR A 92 28.85 14.93 -20.93
CA TYR A 92 29.82 14.19 -21.73
C TYR A 92 29.49 12.72 -22.04
N ALA A 93 29.39 12.41 -23.32
CA ALA A 93 29.27 11.04 -23.85
C ALA A 93 30.64 10.30 -23.90
N LEU A 94 31.69 11.05 -24.21
CA LEU A 94 33.05 10.56 -24.25
C LEU A 94 33.96 11.42 -23.35
N ALA A 95 34.71 10.77 -22.48
CA ALA A 95 35.61 11.49 -21.57
C ALA A 95 36.95 10.77 -21.41
N VAL A 96 38.01 11.50 -21.74
CA VAL A 96 39.36 10.99 -21.60
C VAL A 96 40.14 11.96 -20.73
N LEU A 97 40.53 11.50 -19.55
CA LEU A 97 41.04 12.39 -18.52
C LEU A 97 42.21 11.84 -17.70
N SER A 98 43.23 12.70 -17.56
CA SER A 98 44.37 12.49 -16.66
C SER A 98 44.95 11.06 -16.74
N ASN A 99 45.15 10.58 -17.97
CA ASN A 99 45.75 9.27 -18.21
C ASN A 99 47.28 9.41 -18.17
N TYR A 100 47.79 9.70 -16.97
CA TYR A 100 49.14 10.20 -16.75
C TYR A 100 49.52 9.95 -15.27
N ASP A 101 50.81 9.99 -14.95
CA ASP A 101 51.28 9.86 -13.57
C ASP A 101 52.56 10.66 -13.33
N ALA A 102 52.98 10.74 -12.06
CA ALA A 102 54.24 11.38 -11.68
C ALA A 102 55.51 10.59 -12.12
N ASN A 103 55.30 9.36 -12.58
CA ASN A 103 56.39 8.59 -13.22
C ASN A 103 56.79 9.13 -14.61
N LYS A 104 56.27 10.29 -14.99
CA LYS A 104 56.59 10.96 -16.27
C LYS A 104 56.08 10.20 -17.50
N THR A 105 55.34 9.11 -17.26
CA THR A 105 54.89 8.19 -18.31
C THR A 105 53.37 8.28 -18.49
N GLY A 106 52.89 8.06 -19.72
CA GLY A 106 51.45 8.10 -19.97
C GLY A 106 51.00 7.42 -21.25
N LEU A 107 49.68 7.47 -21.47
CA LEU A 107 48.99 6.90 -22.64
C LEU A 107 49.23 7.69 -23.90
N LYS A 108 49.76 7.02 -24.93
CA LYS A 108 50.10 7.66 -26.21
C LYS A 108 49.02 7.44 -27.26
N GLU A 109 48.57 6.19 -27.38
CA GLU A 109 47.77 5.75 -28.53
C GLU A 109 46.33 5.47 -28.17
N LEU A 110 45.42 6.06 -28.94
CA LEU A 110 44.00 5.80 -28.83
C LEU A 110 43.36 5.77 -30.21
N PRO A 111 43.52 4.65 -30.94
CA PRO A 111 43.11 4.59 -32.34
C PRO A 111 41.64 4.21 -32.50
N MET A 112 40.75 5.20 -32.46
CA MET A 112 39.35 4.95 -32.73
C MET A 112 39.12 5.23 -34.19
N ARG A 113 39.77 4.43 -35.02
CA ARG A 113 39.65 4.46 -36.48
C ARG A 113 38.21 4.62 -36.92
N ASN A 114 37.30 3.88 -36.26
CA ASN A 114 35.91 3.71 -36.67
C ASN A 114 34.86 4.47 -35.86
N LEU A 115 35.28 5.30 -34.90
CA LEU A 115 34.30 6.15 -34.21
C LEU A 115 33.70 7.16 -35.16
N GLN A 116 32.43 6.96 -35.49
CA GLN A 116 31.83 7.68 -36.59
C GLN A 116 30.66 8.57 -36.16
N GLU A 117 29.99 8.22 -35.06
CA GLU A 117 28.89 9.05 -34.57
C GLU A 117 28.66 9.01 -33.05
N ILE A 118 28.30 10.16 -32.50
CA ILE A 118 27.77 10.24 -31.14
C ILE A 118 26.42 10.95 -31.17
N LEU A 119 25.35 10.20 -30.88
CA LEU A 119 23.99 10.71 -30.96
C LEU A 119 23.76 11.89 -30.02
N HIS A 120 24.04 11.69 -28.73
CA HIS A 120 23.84 12.71 -27.72
C HIS A 120 25.03 12.82 -26.81
N GLY A 121 25.38 14.03 -26.41
CA GLY A 121 26.51 14.25 -25.52
C GLY A 121 27.60 15.05 -26.20
N ALA A 122 28.59 15.43 -25.42
CA ALA A 122 29.77 16.11 -25.92
C ALA A 122 31.01 15.27 -25.59
N VAL A 123 32.19 15.84 -25.83
CA VAL A 123 33.43 15.18 -25.54
C VAL A 123 34.24 16.07 -24.61
N ARG A 124 35.11 15.42 -23.82
CA ARG A 124 36.13 16.12 -23.06
C ARG A 124 37.49 15.43 -23.14
N PHE A 125 38.51 16.26 -23.31
CA PHE A 125 39.90 15.85 -23.21
C PHE A 125 40.63 16.84 -22.33
N SER A 126 41.19 16.30 -21.25
CA SER A 126 42.11 17.06 -20.44
C SER A 126 43.19 16.17 -19.88
N ASN A 127 44.41 16.69 -19.93
CA ASN A 127 45.53 16.11 -19.20
C ASN A 127 45.85 14.73 -19.70
N ASN A 128 45.83 14.61 -21.02
CA ASN A 128 46.39 13.45 -21.69
C ASN A 128 47.53 14.00 -22.54
N PRO A 129 48.70 14.21 -21.90
CA PRO A 129 49.85 14.82 -22.54
C PRO A 129 50.67 13.82 -23.36
N ALA A 130 50.67 12.56 -22.97
CA ALA A 130 51.35 11.49 -23.73
C ALA A 130 50.69 11.28 -25.09
N LEU A 131 49.36 11.28 -25.04
CA LEU A 131 48.50 11.12 -26.20
C LEU A 131 48.86 12.07 -27.33
N CYS A 132 48.93 11.54 -28.56
CA CYS A 132 48.86 12.44 -29.70
C CYS A 132 47.91 11.97 -30.79
N ASN A 133 47.91 12.79 -31.84
CA ASN A 133 47.32 12.50 -33.14
C ASN A 133 45.87 12.77 -33.20
N VAL A 134 45.23 12.91 -32.05
CA VAL A 134 43.77 12.86 -31.93
C VAL A 134 43.34 14.30 -32.12
N GLU A 135 44.29 15.19 -31.80
CA GLU A 135 44.17 16.64 -31.98
C GLU A 135 43.82 17.03 -33.42
N SER A 136 44.22 16.17 -34.35
CA SER A 136 43.89 16.29 -35.74
C SER A 136 42.40 16.10 -35.98
N ILE A 137 41.75 15.30 -35.13
CA ILE A 137 40.38 14.82 -35.39
C ILE A 137 39.43 15.98 -35.48
N GLN A 138 38.58 15.95 -36.52
CA GLN A 138 37.59 16.98 -36.73
C GLN A 138 36.30 16.40 -36.20
N TRP A 139 35.72 17.06 -35.19
CA TRP A 139 34.58 16.49 -34.46
C TRP A 139 33.24 16.98 -34.94
N ARG A 140 33.23 17.65 -36.11
CA ARG A 140 31.97 18.07 -36.72
C ARG A 140 31.26 16.86 -37.29
N ASP A 141 32.04 15.93 -37.83
CA ASP A 141 31.52 14.74 -38.48
C ASP A 141 30.93 13.75 -37.49
N ILE A 142 31.60 13.62 -36.35
CA ILE A 142 31.19 12.67 -35.31
C ILE A 142 29.96 13.14 -34.51
N VAL A 143 30.02 14.37 -34.00
CA VAL A 143 29.10 14.87 -32.97
C VAL A 143 27.84 15.53 -33.54
N SER A 144 26.75 15.47 -32.79
CA SER A 144 25.53 16.20 -33.10
C SER A 144 25.74 17.71 -32.98
N SER A 145 24.91 18.47 -33.69
CA SER A 145 24.98 19.93 -33.70
C SER A 145 24.78 20.51 -32.31
N ASP A 146 23.61 20.19 -31.77
CA ASP A 146 23.13 20.62 -30.46
C ASP A 146 24.18 20.56 -29.36
N PHE A 147 25.12 19.62 -29.45
CA PHE A 147 26.12 19.38 -28.39
C PHE A 147 27.49 20.02 -28.54
N LEU A 148 27.87 20.43 -29.75
CA LEU A 148 29.21 20.99 -29.96
C LEU A 148 29.56 22.22 -29.11
N SER A 149 28.53 22.81 -28.48
CA SER A 149 28.70 23.94 -27.56
C SER A 149 29.34 23.53 -26.25
N ASN A 150 29.08 22.30 -25.82
CA ASN A 150 29.57 21.81 -24.52
C ASN A 150 30.81 20.92 -24.66
N MET A 151 31.67 21.24 -25.61
CA MET A 151 32.89 20.46 -25.81
C MET A 151 34.08 21.15 -25.16
N SER A 152 34.88 20.37 -24.43
CA SER A 152 36.04 20.84 -23.70
C SER A 152 37.32 20.13 -24.20
N MET A 153 37.80 20.57 -25.37
CA MET A 153 38.94 19.95 -26.03
C MET A 153 40.29 20.64 -25.73
N ASP A 154 40.91 20.25 -24.60
CA ASP A 154 42.26 20.67 -24.31
C ASP A 154 43.24 19.56 -24.63
N PHE A 155 43.98 19.79 -25.71
CA PHE A 155 45.03 18.92 -26.14
C PHE A 155 46.37 19.58 -25.86
N GLN A 156 47.22 18.87 -25.14
CA GLN A 156 48.59 19.29 -24.98
C GLN A 156 49.41 18.06 -24.97
N ASN A 157 50.31 17.90 -25.94
CA ASN A 157 51.35 16.92 -25.79
C ASN A 157 52.71 17.53 -25.67
N HIS A 158 53.30 17.34 -24.52
CA HIS A 158 54.67 17.75 -24.28
C HIS A 158 55.55 16.56 -23.97
N LEU A 159 54.95 15.48 -23.44
CA LEU A 159 55.68 14.29 -22.96
C LEU A 159 56.56 13.62 -24.02
N GLY A 160 56.11 13.60 -25.26
CA GLY A 160 56.88 12.96 -26.31
C GLY A 160 56.55 13.47 -27.68
N SER A 161 57.37 13.03 -28.64
CA SER A 161 57.05 13.24 -30.02
C SER A 161 56.02 12.20 -30.43
N CYS A 162 55.23 12.60 -31.43
CA CYS A 162 54.27 11.72 -32.07
C CYS A 162 54.58 11.77 -33.56
N GLN A 163 53.92 10.92 -34.34
CA GLN A 163 54.06 10.93 -35.80
C GLN A 163 53.02 11.81 -36.42
N LYS A 164 53.23 12.14 -37.68
CA LYS A 164 52.34 13.05 -38.38
C LYS A 164 51.33 12.22 -39.15
N CYS A 165 50.14 12.77 -39.40
CA CYS A 165 49.11 11.99 -40.09
C CYS A 165 49.54 11.74 -41.53
N ASP A 166 49.80 10.46 -41.83
CA ASP A 166 50.10 9.99 -43.19
C ASP A 166 49.29 10.82 -44.18
N PRO A 167 49.97 11.51 -45.13
CA PRO A 167 49.32 12.56 -45.94
C PRO A 167 48.04 12.14 -46.63
N SER A 168 47.92 10.82 -46.85
CA SER A 168 46.75 10.19 -47.47
C SER A 168 45.45 10.55 -46.77
N CYS A 169 45.52 10.83 -45.47
CA CYS A 169 44.38 11.23 -44.65
C CYS A 169 43.93 12.64 -45.07
N PRO A 170 42.62 12.92 -44.94
CA PRO A 170 42.10 14.20 -45.42
C PRO A 170 42.23 15.29 -44.35
N ASN A 171 42.81 16.42 -44.75
CA ASN A 171 43.03 17.55 -43.85
C ASN A 171 43.84 17.12 -42.63
N GLY A 172 44.71 16.13 -42.84
CA GLY A 172 45.61 15.62 -41.81
C GLY A 172 44.90 14.98 -40.63
N SER A 173 43.67 14.56 -40.83
CA SER A 173 42.90 13.97 -39.72
C SER A 173 43.07 12.46 -39.61
N CYS A 174 43.77 12.01 -38.57
CA CYS A 174 43.93 10.59 -38.30
C CYS A 174 43.83 10.34 -36.82
N TRP A 175 43.53 9.10 -36.45
CA TRP A 175 43.54 8.66 -35.06
C TRP A 175 44.90 8.11 -34.65
N GLY A 176 45.88 8.14 -35.55
CA GLY A 176 47.20 7.57 -35.30
C GLY A 176 47.93 7.26 -36.59
N ALA A 177 49.08 6.59 -36.46
CA ALA A 177 50.00 6.35 -37.57
C ALA A 177 49.49 5.27 -38.51
N GLY A 178 49.62 5.49 -39.81
CA GLY A 178 49.15 4.54 -40.81
C GLY A 178 47.98 5.19 -41.49
N GLU A 179 47.74 4.82 -42.74
CA GLU A 179 46.53 5.27 -43.47
C GLU A 179 45.29 4.54 -42.99
N GLU A 180 45.54 3.44 -42.29
CA GLU A 180 44.50 2.61 -41.71
C GLU A 180 43.77 3.42 -40.64
N ASN A 181 44.44 4.46 -40.13
CA ASN A 181 43.95 5.28 -39.02
C ASN A 181 43.38 6.61 -39.47
N CYS A 182 43.41 6.87 -40.77
CA CYS A 182 42.89 8.13 -41.30
C CYS A 182 41.43 8.26 -40.88
N GLN A 183 41.00 9.48 -40.58
CA GLN A 183 39.62 9.69 -40.17
C GLN A 183 38.70 9.48 -41.37
N LYS A 184 37.69 8.67 -41.16
CA LYS A 184 36.61 8.45 -42.13
C LYS A 184 35.52 9.48 -41.89
N LEU A 185 34.99 10.04 -42.98
CA LEU A 185 34.02 11.13 -42.90
C LEU A 185 32.76 10.81 -43.66
N THR A 186 31.60 11.04 -43.05
CA THR A 186 30.32 10.63 -43.65
C THR A 186 29.17 11.62 -43.40
N LYS A 187 29.49 12.82 -42.91
CA LYS A 187 28.47 13.81 -42.55
C LYS A 187 28.72 15.19 -43.16
N ILE A 188 29.93 15.72 -42.95
CA ILE A 188 30.25 17.07 -43.41
C ILE A 188 30.84 17.08 -44.84
N ILE A 189 30.84 15.92 -45.49
CA ILE A 189 31.47 15.75 -46.81
C ILE A 189 30.43 15.33 -47.86
N CYS A 190 29.16 15.73 -47.68
CA CYS A 190 28.07 15.23 -48.53
C CYS A 190 27.17 16.33 -49.08
N ALA A 191 26.65 16.13 -50.30
CA ALA A 191 25.73 17.10 -50.91
C ALA A 191 24.51 17.32 -50.03
N GLN A 192 23.91 18.49 -50.15
CA GLN A 192 22.79 18.90 -49.30
C GLN A 192 21.53 18.05 -49.47
N GLN A 193 21.45 17.31 -50.57
CA GLN A 193 20.33 16.39 -50.81
C GLN A 193 20.16 15.43 -49.63
N CYS A 194 21.27 14.97 -49.06
CA CYS A 194 21.25 14.01 -47.95
C CYS A 194 20.99 14.67 -46.61
N SER A 195 19.87 14.30 -46.00
CA SER A 195 19.56 14.68 -44.62
C SER A 195 20.48 13.89 -43.70
N GLY A 196 20.44 12.57 -43.84
CA GLY A 196 21.26 11.69 -43.02
C GLY A 196 22.72 11.75 -43.39
N ARG A 197 23.43 10.67 -43.09
CA ARG A 197 24.81 10.53 -43.47
C ARG A 197 24.94 10.13 -44.95
N CYS A 198 26.17 9.77 -45.35
CA CYS A 198 26.47 9.46 -46.74
C CYS A 198 27.63 8.47 -46.84
N ARG A 199 27.72 7.77 -47.97
CA ARG A 199 28.85 6.89 -48.25
C ARG A 199 29.75 7.46 -49.36
N GLY A 200 29.34 8.58 -49.93
CA GLY A 200 30.10 9.31 -50.96
C GLY A 200 29.71 10.78 -50.94
N LYS A 201 30.21 11.56 -51.91
CA LYS A 201 29.96 13.02 -51.97
C LYS A 201 28.70 13.40 -52.76
N SER A 202 28.27 12.55 -53.67
CA SER A 202 27.18 12.89 -54.60
C SER A 202 25.84 12.91 -53.86
N PRO A 203 24.77 13.35 -54.54
CA PRO A 203 23.42 13.35 -53.96
C PRO A 203 22.70 12.03 -54.15
N SER A 204 23.35 11.08 -54.79
CA SER A 204 22.88 9.71 -54.87
C SER A 204 23.52 8.87 -53.77
N ASP A 205 24.63 9.36 -53.21
CA ASP A 205 25.36 8.65 -52.15
C ASP A 205 24.73 8.84 -50.76
N CYS A 206 23.52 9.39 -50.76
CA CYS A 206 22.75 9.61 -49.54
C CYS A 206 22.42 8.28 -48.87
N CYS A 207 22.24 8.35 -47.56
CA CYS A 207 21.85 7.21 -46.79
C CYS A 207 20.41 7.34 -46.33
N HIS A 208 19.91 6.35 -45.61
CA HIS A 208 18.58 6.46 -45.01
C HIS A 208 18.59 7.35 -43.79
N ASN A 209 17.44 7.95 -43.51
CA ASN A 209 17.24 8.76 -42.33
C ASN A 209 17.48 7.99 -41.01
N GLN A 210 17.57 6.67 -41.09
CA GLN A 210 17.67 5.80 -39.93
C GLN A 210 19.06 5.21 -39.80
N CYS A 211 19.99 5.62 -40.67
CA CYS A 211 21.37 5.19 -40.57
C CYS A 211 22.11 6.07 -39.59
N ALA A 212 23.12 5.50 -38.94
CA ALA A 212 23.82 6.22 -37.90
C ALA A 212 25.27 6.56 -38.30
N ALA A 213 26.08 5.52 -38.52
CA ALA A 213 27.51 5.75 -38.76
C ALA A 213 27.91 5.98 -40.21
N GLY A 214 27.14 5.37 -41.13
CA GLY A 214 27.51 5.22 -42.54
C GLY A 214 26.72 4.11 -43.24
N CYS A 215 27.06 3.83 -44.48
CA CYS A 215 26.18 2.97 -45.32
C CYS A 215 26.89 2.14 -46.35
N THR A 216 26.24 1.04 -46.74
CA THR A 216 26.61 0.29 -47.96
C THR A 216 25.65 0.59 -49.12
N GLY A 217 24.58 1.31 -48.82
CA GLY A 217 23.60 1.70 -49.82
C GLY A 217 22.58 2.67 -49.25
N PRO A 218 21.60 3.07 -50.07
CA PRO A 218 20.59 4.03 -49.62
C PRO A 218 19.44 3.38 -48.81
N ARG A 219 19.24 2.06 -48.96
CA ARG A 219 18.15 1.34 -48.31
C ARG A 219 18.22 1.38 -46.80
N GLU A 220 17.08 1.12 -46.19
CA GLU A 220 16.91 1.08 -44.74
C GLU A 220 17.71 -0.05 -44.08
N SER A 221 18.12 -1.04 -44.86
CA SER A 221 18.86 -2.18 -44.35
C SER A 221 20.30 -2.15 -44.79
N ASP A 222 20.78 -0.98 -45.15
CA ASP A 222 22.16 -0.82 -45.63
C ASP A 222 23.06 -0.07 -44.65
N CYS A 223 22.48 0.43 -43.56
CA CYS A 223 23.20 1.20 -42.57
C CYS A 223 24.23 0.29 -41.91
N LEU A 224 25.31 0.88 -41.45
CA LEU A 224 26.24 0.15 -40.64
C LEU A 224 25.64 -0.13 -39.26
N VAL A 225 25.00 0.88 -38.70
CA VAL A 225 24.42 0.79 -37.37
C VAL A 225 23.22 1.71 -37.37
N CYS A 226 22.22 1.43 -36.53
CA CYS A 226 20.95 2.17 -36.52
C CYS A 226 20.91 3.35 -35.56
N ARG A 227 20.16 4.39 -35.92
CA ARG A 227 19.95 5.56 -35.06
C ARG A 227 19.07 5.21 -33.87
N LYS A 228 17.86 4.73 -34.17
CA LYS A 228 16.91 4.40 -33.13
C LYS A 228 16.96 2.90 -32.86
N PHE A 229 16.26 2.13 -33.68
CA PHE A 229 16.06 0.72 -33.39
C PHE A 229 16.36 -0.13 -34.60
N ARG A 230 16.84 -1.33 -34.35
CA ARG A 230 17.12 -2.30 -35.39
C ARG A 230 16.19 -3.47 -35.22
N ASP A 231 15.49 -3.84 -36.30
CA ASP A 231 14.60 -4.98 -36.29
C ASP A 231 15.07 -6.01 -37.32
N GLU A 232 16.03 -6.85 -36.91
CA GLU A 232 16.46 -7.98 -37.73
C GLU A 232 16.90 -7.50 -39.14
N ALA A 233 18.01 -6.77 -39.17
CA ALA A 233 18.59 -6.26 -40.44
C ALA A 233 17.86 -5.10 -41.09
N THR A 234 16.98 -4.39 -40.37
CA THR A 234 16.42 -3.13 -40.87
C THR A 234 16.41 -2.13 -39.73
N CYS A 235 16.42 -0.84 -40.04
CA CYS A 235 16.41 0.19 -39.02
C CYS A 235 15.08 0.92 -39.00
N LYS A 236 14.54 1.17 -37.82
CA LYS A 236 13.18 1.69 -37.66
C LYS A 236 13.05 2.80 -36.62
N ASP A 237 12.12 3.74 -36.83
CA ASP A 237 11.80 4.79 -35.85
C ASP A 237 11.51 4.14 -34.53
N THR A 238 10.63 3.16 -34.58
CA THR A 238 10.21 2.48 -33.39
C THR A 238 10.01 1.01 -33.71
N CYS A 239 10.11 0.15 -32.69
CA CYS A 239 9.80 -1.26 -32.88
C CYS A 239 8.31 -1.45 -33.18
N PRO A 240 7.94 -2.55 -33.88
CA PRO A 240 6.50 -2.85 -34.09
C PRO A 240 5.78 -2.85 -32.76
N PRO A 241 4.65 -2.11 -32.64
CA PRO A 241 4.05 -1.94 -31.32
C PRO A 241 3.38 -3.23 -30.88
N LEU A 242 3.39 -3.46 -29.56
CA LEU A 242 2.87 -4.68 -28.99
C LEU A 242 1.35 -4.76 -29.08
N MET A 243 0.72 -3.60 -29.08
CA MET A 243 -0.72 -3.51 -29.18
C MET A 243 -1.11 -2.94 -30.53
N LEU A 244 -2.04 -3.63 -31.20
CA LEU A 244 -2.70 -3.11 -32.42
C LEU A 244 -4.18 -2.85 -32.17
N TYR A 245 -4.75 -1.93 -32.94
CA TYR A 245 -6.18 -1.60 -32.83
C TYR A 245 -7.01 -2.41 -33.81
N ASN A 246 -7.90 -3.24 -33.30
CA ASN A 246 -8.80 -4.02 -34.13
C ASN A 246 -10.07 -3.21 -34.40
N PRO A 247 -10.30 -2.80 -35.65
CA PRO A 247 -11.48 -1.98 -35.98
C PRO A 247 -12.80 -2.80 -36.07
N THR A 248 -12.70 -4.12 -36.19
CA THR A 248 -13.90 -4.97 -36.16
C THR A 248 -14.32 -5.26 -34.72
N THR A 249 -13.33 -5.42 -33.85
CA THR A 249 -13.58 -5.72 -32.43
C THR A 249 -13.61 -4.44 -31.61
N TYR A 250 -13.00 -3.38 -32.14
CA TYR A 250 -12.98 -2.05 -31.52
C TYR A 250 -12.08 -1.91 -30.29
N GLN A 251 -11.64 -3.05 -29.75
CA GLN A 251 -10.67 -3.09 -28.65
C GLN A 251 -9.26 -3.33 -29.19
N MET A 252 -8.25 -2.97 -28.41
CA MET A 252 -6.88 -3.32 -28.74
C MET A 252 -6.67 -4.84 -28.70
N ASP A 253 -5.90 -5.34 -29.65
CA ASP A 253 -5.47 -6.73 -29.67
C ASP A 253 -3.96 -6.73 -29.52
N VAL A 254 -3.40 -7.88 -29.13
CA VAL A 254 -1.96 -8.07 -29.16
C VAL A 254 -1.65 -8.49 -30.58
N ASN A 255 -0.69 -7.84 -31.25
CA ASN A 255 -0.26 -8.33 -32.57
C ASN A 255 0.84 -9.36 -32.38
N PRO A 256 0.77 -10.49 -33.10
CA PRO A 256 1.85 -11.47 -32.99
C PRO A 256 3.19 -10.96 -33.58
N GLU A 257 3.13 -9.92 -34.41
CA GLU A 257 4.35 -9.33 -34.98
C GLU A 257 4.92 -8.19 -34.12
N GLY A 258 4.40 -8.06 -32.91
CA GLY A 258 4.85 -7.03 -31.97
C GLY A 258 6.15 -7.47 -31.33
N LYS A 259 6.92 -6.48 -30.91
CA LYS A 259 8.23 -6.72 -30.32
C LYS A 259 8.52 -5.77 -29.16
N TYR A 260 9.33 -6.24 -28.21
CA TYR A 260 9.88 -5.40 -27.14
C TYR A 260 11.30 -4.84 -27.41
N SER A 261 11.62 -3.73 -26.78
CA SER A 261 12.84 -3.01 -27.09
C SER A 261 13.93 -3.35 -26.09
N PHE A 262 14.83 -4.24 -26.48
CA PHE A 262 16.01 -4.56 -25.66
C PHE A 262 17.16 -3.69 -26.11
N GLY A 263 17.56 -2.75 -25.26
CA GLY A 263 18.50 -1.72 -25.67
C GLY A 263 17.93 -0.99 -26.89
N ALA A 264 18.60 -1.13 -28.03
CA ALA A 264 18.16 -0.49 -29.26
C ALA A 264 17.77 -1.55 -30.28
N THR A 265 17.41 -2.71 -29.77
CA THR A 265 17.04 -3.84 -30.60
C THR A 265 15.56 -4.19 -30.42
N CYS A 266 14.91 -4.56 -31.52
CA CYS A 266 13.55 -5.05 -31.47
C CYS A 266 13.60 -6.56 -31.29
N VAL A 267 13.04 -7.07 -30.21
CA VAL A 267 13.08 -8.49 -29.88
C VAL A 267 11.71 -9.03 -29.45
N LYS A 268 11.36 -10.22 -29.92
CA LYS A 268 10.11 -10.85 -29.61
C LYS A 268 9.95 -11.21 -28.19
N LYS A 269 10.99 -11.76 -27.58
CA LYS A 269 10.97 -12.03 -26.16
C LYS A 269 12.17 -11.41 -25.49
N CYS A 270 11.99 -10.80 -24.32
CA CYS A 270 13.09 -10.15 -23.65
C CYS A 270 14.01 -11.23 -23.12
N PRO A 271 15.28 -10.81 -22.70
CA PRO A 271 16.09 -11.89 -22.10
C PRO A 271 15.62 -12.38 -20.76
N ARG A 272 16.18 -13.48 -20.30
CA ARG A 272 15.72 -14.14 -19.10
C ARG A 272 15.80 -13.39 -17.79
N ASN A 273 16.86 -12.67 -17.56
CA ASN A 273 17.02 -11.95 -16.31
C ASN A 273 15.84 -11.01 -16.13
N TYR A 274 15.41 -10.50 -17.26
CA TYR A 274 14.83 -9.18 -17.52
C TYR A 274 13.33 -9.07 -17.32
N VAL A 275 12.81 -7.84 -17.35
CA VAL A 275 11.40 -7.58 -17.11
C VAL A 275 10.97 -6.46 -18.05
N VAL A 276 9.66 -6.29 -18.23
CA VAL A 276 9.18 -5.33 -19.22
C VAL A 276 8.74 -4.09 -18.52
N THR A 277 8.64 -3.00 -19.25
CA THR A 277 8.32 -1.73 -18.66
C THR A 277 7.17 -1.15 -19.36
N ASP A 278 6.55 -0.17 -18.74
CA ASP A 278 5.35 0.41 -19.30
C ASP A 278 5.53 1.09 -20.62
N HIS A 279 6.72 1.57 -20.89
CA HIS A 279 7.04 2.06 -22.21
C HIS A 279 7.30 0.94 -23.16
N GLY A 280 7.45 -0.28 -22.69
CA GLY A 280 7.80 -1.40 -23.56
C GLY A 280 9.19 -1.99 -23.61
N SER A 281 10.13 -1.42 -22.89
CA SER A 281 11.46 -1.93 -22.86
C SER A 281 11.63 -3.20 -22.09
N CYS A 282 12.72 -3.88 -22.33
CA CYS A 282 13.08 -5.07 -21.62
C CYS A 282 14.21 -4.57 -20.75
N VAL A 283 14.18 -4.81 -19.46
CA VAL A 283 15.07 -4.14 -18.54
C VAL A 283 15.55 -5.02 -17.40
N ARG A 284 16.64 -4.66 -16.76
CA ARG A 284 17.21 -5.55 -15.76
C ARG A 284 16.37 -5.81 -14.54
N ALA A 285 15.78 -4.76 -13.97
CA ALA A 285 14.87 -4.91 -12.84
C ALA A 285 14.00 -3.71 -12.70
N CYS A 286 12.86 -3.86 -12.04
CA CYS A 286 11.85 -2.81 -11.96
C CYS A 286 12.29 -1.78 -10.91
N GLY A 287 11.83 -0.55 -11.03
CA GLY A 287 12.32 0.53 -10.19
C GLY A 287 11.89 0.45 -8.75
N ALA A 288 12.70 0.98 -7.83
CA ALA A 288 12.37 0.84 -6.39
C ALA A 288 11.00 1.44 -6.11
N ASP A 289 10.46 2.10 -7.11
CA ASP A 289 9.10 2.57 -7.13
C ASP A 289 8.16 1.36 -7.13
N SER A 290 8.67 0.22 -7.59
CA SER A 290 7.82 -0.77 -8.24
C SER A 290 8.05 -2.23 -7.87
N TYR A 291 7.12 -3.12 -8.26
CA TYR A 291 7.32 -4.56 -8.08
C TYR A 291 6.98 -5.34 -9.36
N GLU A 292 7.29 -6.64 -9.39
CA GLU A 292 7.09 -7.46 -10.59
C GLU A 292 5.82 -8.25 -10.52
N MET A 293 5.01 -8.20 -11.57
CA MET A 293 3.82 -9.05 -11.70
C MET A 293 3.81 -9.67 -13.08
N GLU A 294 3.58 -10.97 -13.16
CA GLU A 294 3.53 -11.65 -14.44
C GLU A 294 2.10 -11.59 -14.94
N GLU A 295 1.86 -10.84 -15.99
CA GLU A 295 0.51 -10.58 -16.40
C GLU A 295 0.35 -10.85 -17.87
N ASP A 296 -0.61 -11.69 -18.23
CA ASP A 296 -0.76 -12.12 -19.59
C ASP A 296 0.50 -12.80 -20.01
N GLY A 297 1.20 -13.42 -19.07
CA GLY A 297 2.33 -14.27 -19.39
C GLY A 297 3.68 -13.60 -19.43
N VAL A 298 3.71 -12.30 -19.27
CA VAL A 298 4.89 -11.49 -19.44
C VAL A 298 5.10 -10.96 -18.13
N ARG A 299 6.32 -10.91 -17.64
CA ARG A 299 6.56 -10.34 -16.34
C ARG A 299 6.83 -8.86 -16.40
N LYS A 300 5.77 -8.10 -16.26
CA LYS A 300 5.77 -6.67 -16.30
C LYS A 300 6.10 -6.03 -14.98
N CYS A 301 6.28 -4.73 -14.92
CA CYS A 301 6.61 -4.06 -13.69
C CYS A 301 5.46 -3.17 -13.29
N LYS A 302 4.94 -3.32 -12.10
CA LYS A 302 3.85 -2.49 -11.64
C LYS A 302 4.28 -1.66 -10.47
N LYS A 303 3.63 -0.52 -10.29
CA LYS A 303 4.01 0.44 -9.27
C LYS A 303 3.16 0.32 -8.03
N CYS A 304 3.78 0.55 -6.89
CA CYS A 304 3.30 0.03 -5.64
C CYS A 304 1.84 0.28 -5.24
N GLU A 305 1.38 1.52 -5.35
CA GLU A 305 0.05 1.95 -4.86
C GLU A 305 0.18 2.43 -3.43
N GLY A 306 1.21 1.96 -2.75
CA GLY A 306 1.51 2.48 -1.44
C GLY A 306 2.98 2.19 -1.27
N PRO A 307 3.60 2.66 -0.16
CA PRO A 307 4.98 2.19 0.04
C PRO A 307 5.10 0.70 -0.12
N CYS A 308 6.23 0.27 -0.63
CA CYS A 308 6.31 -1.12 -1.04
C CYS A 308 6.39 -1.87 0.20
N ARG A 309 5.85 -3.06 0.19
CA ARG A 309 5.82 -3.77 1.44
C ARG A 309 7.23 -3.96 1.90
N LYS A 310 7.46 -3.69 3.19
CA LYS A 310 8.75 -3.86 3.82
C LYS A 310 8.42 -4.55 5.11
N VAL A 311 9.18 -5.54 5.52
CA VAL A 311 8.82 -6.28 6.72
C VAL A 311 9.85 -6.06 7.79
N CYS A 312 9.41 -5.56 8.94
CA CYS A 312 10.34 -5.17 10.00
C CYS A 312 10.02 -5.98 11.23
N ASN A 313 10.98 -6.15 12.12
CA ASN A 313 10.72 -6.79 13.42
C ASN A 313 9.92 -5.89 14.34
N GLY A 314 9.23 -6.51 15.30
CA GLY A 314 8.57 -5.79 16.39
C GLY A 314 9.51 -5.71 17.56
N ILE A 315 9.04 -5.12 18.65
CA ILE A 315 9.88 -4.93 19.83
C ILE A 315 10.26 -6.29 20.40
N GLY A 316 11.50 -6.43 20.83
CA GLY A 316 11.96 -7.67 21.48
C GLY A 316 12.59 -8.67 20.53
N ILE A 317 12.59 -8.34 19.24
CA ILE A 317 13.10 -9.26 18.22
C ILE A 317 14.21 -8.61 17.39
N GLY A 318 15.29 -9.35 17.13
CA GLY A 318 16.33 -8.90 16.22
C GLY A 318 16.81 -7.49 16.54
N GLU A 319 16.67 -6.59 15.58
CA GLU A 319 17.04 -5.18 15.79
C GLU A 319 16.67 -4.73 17.21
N PHE A 320 15.44 -5.04 17.61
CA PHE A 320 14.86 -4.53 18.84
C PHE A 320 14.98 -5.50 20.01
N LYS A 321 16.02 -6.32 19.98
CA LYS A 321 16.29 -7.24 21.10
C LYS A 321 16.39 -6.53 22.45
N ASP A 322 15.78 -7.13 23.47
CA ASP A 322 15.77 -6.57 24.83
C ASP A 322 15.32 -5.13 24.93
N SER A 323 14.42 -4.71 24.04
CA SER A 323 13.76 -3.42 24.15
C SER A 323 12.38 -3.58 24.84
N LEU A 324 11.91 -2.52 25.48
CA LEU A 324 10.65 -2.56 26.23
C LEU A 324 9.54 -1.81 25.52
N SER A 325 9.92 -0.88 24.65
CA SER A 325 8.98 -0.04 23.96
C SER A 325 9.61 0.66 22.74
N ILE A 326 8.76 1.05 21.78
CA ILE A 326 9.16 1.97 20.72
C ILE A 326 9.67 3.25 21.37
N ASN A 327 10.99 3.47 21.31
CA ASN A 327 11.58 4.64 21.93
C ASN A 327 12.32 5.53 20.95
N ALA A 328 12.90 6.62 21.44
CA ALA A 328 13.53 7.64 20.59
C ALA A 328 14.68 7.10 19.76
N THR A 329 15.41 6.15 20.30
CA THR A 329 16.44 5.44 19.54
C THR A 329 15.84 4.75 18.30
N ASN A 330 14.91 3.83 18.58
CA ASN A 330 14.52 2.79 17.64
C ASN A 330 13.31 3.10 16.75
N ILE A 331 12.67 4.24 16.96
CA ILE A 331 11.48 4.55 16.19
C ILE A 331 11.80 4.84 14.74
N LYS A 332 13.04 5.22 14.48
CA LYS A 332 13.47 5.55 13.11
C LYS A 332 13.68 4.27 12.27
N HIS A 333 14.01 3.15 12.92
CA HIS A 333 14.19 1.88 12.23
C HIS A 333 12.91 1.33 11.65
N PHE A 334 11.79 1.99 11.92
CA PHE A 334 10.49 1.60 11.39
C PHE A 334 10.10 2.37 10.13
N LYS A 335 10.98 3.24 9.66
CA LYS A 335 10.68 4.03 8.45
C LYS A 335 10.40 3.15 7.21
N ASN A 336 9.36 3.55 6.47
CA ASN A 336 8.92 2.84 5.27
C ASN A 336 8.50 1.36 5.53
N CYS A 337 8.16 1.02 6.79
CA CYS A 337 7.62 -0.33 7.13
C CYS A 337 6.13 -0.46 6.81
N THR A 338 5.75 -1.62 6.30
CA THR A 338 4.38 -1.95 6.00
C THR A 338 3.86 -3.02 6.93
N SER A 339 4.74 -3.88 7.40
CA SER A 339 4.32 -5.06 8.11
C SER A 339 5.32 -5.36 9.21
N ILE A 340 4.82 -5.65 10.40
CA ILE A 340 5.65 -5.97 11.56
C ILE A 340 5.53 -7.44 11.94
N SER A 341 6.64 -8.18 11.85
CA SER A 341 6.68 -9.55 12.33
C SER A 341 6.98 -9.48 13.81
N GLY A 342 5.92 -9.27 14.59
CA GLY A 342 6.02 -9.26 16.03
C GLY A 342 4.98 -8.34 16.64
N ASP A 343 5.31 -7.84 17.84
CA ASP A 343 4.41 -7.07 18.68
C ASP A 343 4.87 -5.63 18.76
N LEU A 344 3.95 -4.72 19.05
CA LEU A 344 4.31 -3.31 19.34
C LEU A 344 3.92 -2.96 20.76
N HIS A 345 4.84 -2.31 21.45
CA HIS A 345 4.57 -1.77 22.74
C HIS A 345 4.86 -0.29 22.61
N ILE A 346 3.87 0.55 22.92
CA ILE A 346 4.08 1.98 23.11
C ILE A 346 3.82 2.31 24.59
N LEU A 347 4.86 2.30 25.40
CA LEU A 347 4.74 2.41 26.86
C LEU A 347 5.17 3.77 27.36
N PRO A 348 4.89 4.08 28.64
CA PRO A 348 5.19 5.42 29.19
C PRO A 348 6.68 5.78 29.26
N VAL A 349 7.56 4.79 29.27
CA VAL A 349 9.01 5.09 29.25
C VAL A 349 9.38 5.89 28.01
N ALA A 350 8.82 5.47 26.87
CA ALA A 350 9.20 6.04 25.60
C ALA A 350 9.15 7.55 25.61
N PHE A 351 8.16 8.10 26.32
CA PHE A 351 7.93 9.56 26.39
C PHE A 351 8.77 10.25 27.47
N ARG A 352 8.99 9.53 28.57
CA ARG A 352 9.83 9.99 29.65
C ARG A 352 11.31 9.94 29.29
N GLY A 353 11.69 8.94 28.50
CA GLY A 353 13.09 8.60 28.33
C GLY A 353 13.50 7.68 29.47
N ASP A 354 14.52 6.88 29.23
CA ASP A 354 15.06 6.00 30.24
C ASP A 354 16.59 6.16 30.27
N SER A 355 17.12 6.59 31.42
CA SER A 355 18.55 6.88 31.58
C SER A 355 19.40 5.62 31.84
N PHE A 356 18.86 4.66 32.58
CA PHE A 356 19.56 3.39 32.82
C PHE A 356 19.83 2.68 31.49
N THR A 357 18.94 2.92 30.53
CA THR A 357 19.05 2.35 29.19
C THR A 357 19.74 3.36 28.27
N HIS A 358 19.97 4.57 28.76
CA HIS A 358 20.56 5.67 27.98
C HIS A 358 19.60 6.20 26.92
N THR A 359 18.31 5.95 27.13
CA THR A 359 17.28 6.33 26.17
C THR A 359 16.66 7.70 26.47
N PRO A 360 16.66 8.62 25.48
CA PRO A 360 16.01 9.91 25.67
C PRO A 360 14.49 9.88 25.50
N PRO A 361 13.82 11.00 25.83
CA PRO A 361 12.38 11.22 25.57
C PRO A 361 12.02 11.14 24.09
N LEU A 362 10.79 10.72 23.81
CA LEU A 362 10.34 10.55 22.44
C LEU A 362 9.51 11.74 22.02
N ASP A 363 9.88 12.32 20.87
CA ASP A 363 9.10 13.40 20.32
C ASP A 363 7.87 12.81 19.66
N PRO A 364 6.67 13.12 20.19
CA PRO A 364 5.38 12.64 19.63
C PRO A 364 5.27 12.64 18.10
N GLN A 365 5.70 13.72 17.45
CA GLN A 365 5.54 13.84 16.00
C GLN A 365 6.06 12.60 15.29
N GLU A 366 7.18 12.07 15.78
CA GLU A 366 7.86 10.95 15.17
C GLU A 366 7.04 9.65 15.09
N LEU A 367 6.01 9.55 15.94
CA LEU A 367 5.04 8.47 15.84
C LEU A 367 4.40 8.38 14.46
N ASP A 368 4.38 9.50 13.71
CA ASP A 368 3.89 9.50 12.34
C ASP A 368 4.63 8.46 11.46
N ILE A 369 5.84 8.08 11.86
CA ILE A 369 6.57 7.04 11.13
C ILE A 369 5.71 5.81 10.92
N LEU A 370 4.86 5.51 11.89
CA LEU A 370 4.09 4.27 11.90
C LEU A 370 2.87 4.33 10.99
N LYS A 371 2.60 5.51 10.44
CA LYS A 371 1.50 5.67 9.48
C LYS A 371 1.55 4.69 8.30
N THR A 372 2.73 4.13 8.06
CA THR A 372 2.92 3.28 6.89
C THR A 372 2.51 1.83 7.17
N VAL A 373 2.35 1.49 8.45
CA VAL A 373 2.07 0.12 8.89
C VAL A 373 0.64 -0.32 8.58
N LYS A 374 0.51 -1.53 8.03
CA LYS A 374 -0.76 -2.03 7.61
C LYS A 374 -1.02 -3.44 8.13
N GLU A 375 -0.01 -4.03 8.76
CA GLU A 375 -0.16 -5.38 9.25
C GLU A 375 0.70 -5.53 10.49
N ILE A 376 0.12 -6.10 11.53
CA ILE A 376 0.88 -6.59 12.68
C ILE A 376 0.60 -8.10 12.90
N THR A 377 1.69 -8.86 13.08
CA THR A 377 1.64 -10.29 13.18
C THR A 377 1.35 -10.77 14.58
N GLY A 378 1.69 -9.94 15.57
CA GLY A 378 1.47 -10.29 16.96
C GLY A 378 0.42 -9.39 17.53
N PHE A 379 0.66 -8.83 18.72
CA PHE A 379 -0.31 -7.94 19.35
C PHE A 379 0.13 -6.51 19.27
N LEU A 380 -0.77 -5.62 19.63
CA LEU A 380 -0.49 -4.19 19.69
C LEU A 380 -0.87 -3.71 21.07
N LEU A 381 0.10 -3.11 21.76
CA LEU A 381 -0.09 -2.67 23.16
C LEU A 381 0.25 -1.20 23.28
N ILE A 382 -0.74 -0.38 23.62
CA ILE A 382 -0.51 1.06 23.82
C ILE A 382 -0.94 1.46 25.21
N GLN A 383 0.01 1.64 26.12
CA GLN A 383 -0.23 2.14 27.49
C GLN A 383 0.07 3.63 27.67
N ALA A 384 0.61 4.26 26.63
CA ALA A 384 0.98 5.65 26.71
C ALA A 384 0.74 6.28 25.35
N TRP A 385 0.48 7.58 25.32
CA TRP A 385 0.17 8.31 24.09
C TRP A 385 0.21 9.81 24.34
N PRO A 386 0.59 10.62 23.33
CA PRO A 386 0.55 12.08 23.47
C PRO A 386 -0.77 12.56 24.02
N GLU A 387 -0.69 13.54 24.94
CA GLU A 387 -1.87 13.94 25.74
C GLU A 387 -2.80 14.86 25.00
N ASN A 388 -2.28 15.52 23.97
CA ASN A 388 -3.08 16.47 23.20
C ASN A 388 -3.48 15.91 21.82
N ARG A 389 -3.36 14.60 21.70
CA ARG A 389 -3.81 13.89 20.50
C ARG A 389 -5.12 13.13 20.76
N THR A 390 -6.15 13.47 20.01
CA THR A 390 -7.47 12.89 20.18
C THR A 390 -7.52 11.37 20.02
N ASP A 391 -6.82 10.82 19.04
CA ASP A 391 -6.97 9.43 18.69
C ASP A 391 -5.65 8.84 18.24
N LEU A 392 -5.67 7.57 17.87
CA LEU A 392 -4.49 6.88 17.42
C LEU A 392 -4.27 7.19 15.94
N HIS A 393 -3.56 8.29 15.71
CA HIS A 393 -3.32 8.79 14.36
C HIS A 393 -2.27 7.96 13.65
N ALA A 394 -1.31 7.46 14.39
CA ALA A 394 -0.25 6.67 13.79
C ALA A 394 -0.73 5.38 13.13
N PHE A 395 -1.91 4.89 13.52
CA PHE A 395 -2.39 3.60 13.09
C PHE A 395 -3.65 3.68 12.23
N GLU A 396 -3.84 4.82 11.55
CA GLU A 396 -5.03 5.01 10.74
C GLU A 396 -5.03 4.14 9.48
N ASN A 397 -3.86 3.58 9.15
CA ASN A 397 -3.72 2.72 8.00
C ASN A 397 -3.54 1.24 8.38
N LEU A 398 -3.63 0.92 9.66
CA LEU A 398 -3.54 -0.45 10.12
C LEU A 398 -4.77 -1.22 9.68
N GLU A 399 -4.54 -2.25 8.87
CA GLU A 399 -5.63 -3.03 8.28
C GLU A 399 -5.86 -4.37 9.00
N ILE A 400 -4.84 -4.93 9.61
CA ILE A 400 -4.98 -6.22 10.23
C ILE A 400 -3.97 -6.48 11.39
N ILE A 401 -4.49 -7.14 12.44
CA ILE A 401 -3.70 -7.55 13.58
C ILE A 401 -3.93 -9.05 13.75
N ARG A 402 -2.93 -9.85 13.47
CA ARG A 402 -3.12 -11.28 13.37
C ARG A 402 -3.09 -11.97 14.74
N GLY A 403 -2.32 -11.39 15.66
CA GLY A 403 -2.23 -11.88 17.01
C GLY A 403 -1.73 -13.30 17.12
N ARG A 404 -0.63 -13.59 16.45
CA ARG A 404 -0.02 -14.92 16.57
C ARG A 404 0.68 -15.07 17.93
N THR A 405 1.12 -13.95 18.49
CA THR A 405 1.55 -13.86 19.87
C THR A 405 0.56 -12.92 20.57
N LYS A 406 0.47 -13.00 21.89
CA LYS A 406 -0.56 -12.25 22.59
C LYS A 406 -0.04 -11.75 23.94
N GLN A 407 -0.44 -10.54 24.35
CA GLN A 407 -0.01 -10.02 25.62
C GLN A 407 -0.63 -10.90 26.69
N HIS A 408 0.19 -11.38 27.63
CA HIS A 408 -0.27 -12.31 28.67
C HIS A 408 -0.91 -13.53 28.06
N GLY A 409 -0.57 -13.81 26.80
CA GLY A 409 -1.13 -14.90 26.02
C GLY A 409 -2.60 -14.73 25.73
N GLN A 410 -3.13 -13.51 25.90
CA GLN A 410 -4.57 -13.27 25.80
C GLN A 410 -4.94 -12.21 24.77
N PHE A 411 -4.32 -11.03 24.85
CA PHE A 411 -4.78 -9.84 24.12
C PHE A 411 -3.95 -9.52 22.89
N SER A 412 -4.63 -9.38 21.75
CA SER A 412 -3.99 -9.01 20.51
C SER A 412 -4.10 -7.50 20.26
N LEU A 413 -4.99 -6.83 21.00
CA LEU A 413 -5.12 -5.37 20.99
C LEU A 413 -5.42 -4.79 22.37
N ALA A 414 -4.49 -4.00 22.88
CA ALA A 414 -4.59 -3.46 24.22
C ALA A 414 -4.34 -1.97 24.15
N VAL A 415 -5.41 -1.21 24.27
CA VAL A 415 -5.32 0.24 24.37
C VAL A 415 -5.73 0.60 25.79
N VAL A 416 -4.78 1.00 26.61
CA VAL A 416 -5.01 1.13 28.02
C VAL A 416 -4.58 2.49 28.56
N SER A 417 -5.44 3.08 29.38
CA SER A 417 -5.04 4.18 30.24
C SER A 417 -4.60 5.40 29.44
N LEU A 418 -5.40 5.83 28.49
CA LEU A 418 -5.03 6.95 27.59
C LEU A 418 -6.01 8.08 27.66
N ASN A 419 -5.65 9.24 27.14
CA ASN A 419 -6.56 10.39 27.15
C ASN A 419 -7.30 10.57 25.85
N ILE A 420 -7.17 9.61 24.97
CA ILE A 420 -7.79 9.73 23.68
C ILE A 420 -9.33 9.87 23.78
N THR A 421 -9.95 10.40 22.74
CA THR A 421 -11.38 10.53 22.66
C THR A 421 -12.00 9.52 21.67
N SER A 422 -11.17 9.03 20.76
CA SER A 422 -11.59 8.06 19.75
C SER A 422 -10.43 7.14 19.49
N LEU A 423 -10.69 5.94 18.97
CA LEU A 423 -9.61 5.05 18.58
C LEU A 423 -9.10 5.40 17.21
N GLY A 424 -10.01 5.65 16.27
CA GLY A 424 -9.61 6.10 14.92
C GLY A 424 -8.86 5.04 14.09
N LEU A 425 -9.10 3.77 14.38
CA LEU A 425 -8.54 2.69 13.61
C LEU A 425 -9.43 2.45 12.38
N ARG A 426 -9.52 3.45 11.51
CA ARG A 426 -10.46 3.47 10.40
C ARG A 426 -10.24 2.34 9.42
N SER A 427 -9.00 1.89 9.31
CA SER A 427 -8.63 0.95 8.29
C SER A 427 -8.68 -0.48 8.76
N LEU A 428 -8.69 -0.67 10.07
CA LEU A 428 -8.67 -2.00 10.69
C LEU A 428 -9.88 -2.82 10.29
N LYS A 429 -9.64 -3.93 9.61
CA LYS A 429 -10.71 -4.77 9.09
C LYS A 429 -10.69 -6.21 9.63
N GLU A 430 -9.63 -6.60 10.35
CA GLU A 430 -9.57 -7.93 10.94
C GLU A 430 -8.63 -8.04 12.14
N ILE A 431 -9.10 -8.67 13.22
CA ILE A 431 -8.23 -9.10 14.30
C ILE A 431 -8.36 -10.61 14.35
N SER A 432 -7.43 -11.31 13.69
CA SER A 432 -7.53 -12.74 13.40
C SER A 432 -7.71 -13.62 14.63
N ASP A 433 -6.93 -13.36 15.67
CA ASP A 433 -6.97 -14.17 16.88
C ASP A 433 -6.59 -13.29 18.05
N GLY A 434 -6.83 -13.79 19.28
CA GLY A 434 -6.52 -13.04 20.48
C GLY A 434 -7.60 -12.07 20.85
N ASP A 435 -7.69 -11.72 22.13
CA ASP A 435 -8.78 -10.87 22.64
C ASP A 435 -8.50 -9.36 22.50
N VAL A 436 -9.44 -8.54 22.92
CA VAL A 436 -9.31 -7.10 22.83
C VAL A 436 -9.58 -6.46 24.20
N ILE A 437 -8.75 -5.51 24.60
CA ILE A 437 -9.04 -4.80 25.83
C ILE A 437 -8.86 -3.35 25.62
N ILE A 438 -9.91 -2.60 25.90
CA ILE A 438 -9.87 -1.16 25.86
C ILE A 438 -10.36 -0.73 27.20
N SER A 439 -9.42 -0.28 28.02
CA SER A 439 -9.63 -0.18 29.44
C SER A 439 -8.93 1.03 30.03
N GLY A 440 -9.71 1.85 30.74
CA GLY A 440 -9.20 2.92 31.55
C GLY A 440 -9.01 4.20 30.82
N ASN A 441 -9.68 4.34 29.67
CA ASN A 441 -9.58 5.57 28.88
C ASN A 441 -10.77 6.45 29.19
N LYS A 442 -10.53 7.36 30.13
CA LYS A 442 -11.53 8.24 30.75
C LYS A 442 -12.29 9.15 29.77
N ASN A 443 -11.63 9.48 28.67
CA ASN A 443 -12.21 10.36 27.70
C ASN A 443 -12.72 9.64 26.47
N LEU A 444 -12.50 8.34 26.38
CA LEU A 444 -12.77 7.56 25.20
C LEU A 444 -14.18 7.15 25.05
N CYS A 445 -14.72 7.49 23.90
CA CYS A 445 -16.10 7.30 23.59
C CYS A 445 -16.06 6.49 22.29
N TYR A 446 -17.15 5.88 21.90
CA TYR A 446 -17.28 5.22 20.60
C TYR A 446 -16.89 3.79 20.59
N ALA A 447 -16.24 3.34 21.62
CA ALA A 447 -15.71 2.00 21.67
C ALA A 447 -16.72 0.89 21.70
N ASN A 448 -17.81 1.10 22.38
CA ASN A 448 -18.84 0.09 22.56
C ASN A 448 -19.78 0.03 21.36
N THR A 449 -19.66 0.97 20.44
CA THR A 449 -20.52 0.96 19.27
C THR A 449 -20.12 -0.14 18.30
N ILE A 450 -18.85 -0.51 18.30
CA ILE A 450 -18.30 -1.43 17.31
C ILE A 450 -18.76 -2.85 17.51
N ASN A 451 -19.24 -3.43 16.43
CA ASN A 451 -19.51 -4.86 16.34
C ASN A 451 -18.18 -5.55 16.12
N TRP A 452 -17.51 -5.84 17.24
CA TRP A 452 -16.17 -6.43 17.21
C TRP A 452 -16.11 -7.76 16.51
N LYS A 453 -17.19 -8.54 16.61
CA LYS A 453 -17.26 -9.86 15.99
C LYS A 453 -16.98 -9.78 14.51
N LYS A 454 -17.35 -8.67 13.86
CA LYS A 454 -17.04 -8.47 12.46
C LYS A 454 -15.56 -8.54 12.17
N LEU A 455 -14.73 -8.20 13.14
CA LEU A 455 -13.28 -8.23 12.94
C LEU A 455 -12.64 -9.57 13.25
N PHE A 456 -13.34 -10.39 14.05
CA PHE A 456 -12.75 -11.62 14.62
C PHE A 456 -12.74 -12.71 13.58
N GLY A 457 -11.63 -13.46 13.54
CA GLY A 457 -11.42 -14.59 12.67
C GLY A 457 -11.29 -15.90 13.43
N THR A 458 -11.29 -15.85 14.76
CA THR A 458 -11.35 -17.07 15.60
C THR A 458 -12.52 -17.00 16.57
N SER A 459 -13.23 -18.12 16.76
CA SER A 459 -14.58 -18.04 17.30
C SER A 459 -14.65 -17.70 18.81
N GLY A 460 -13.65 -18.12 19.59
CA GLY A 460 -13.70 -17.85 21.04
C GLY A 460 -13.28 -16.44 21.47
N GLN A 461 -13.08 -15.56 20.52
CA GLN A 461 -12.59 -14.23 20.83
C GLN A 461 -13.62 -13.37 21.57
N LYS A 462 -13.11 -12.51 22.45
CA LYS A 462 -13.92 -11.64 23.29
C LYS A 462 -13.28 -10.26 23.39
N THR A 463 -14.10 -9.31 23.80
CA THR A 463 -13.71 -7.91 23.92
C THR A 463 -13.96 -7.46 25.32
N LYS A 464 -13.00 -6.78 25.94
CA LYS A 464 -13.25 -6.15 27.24
C LYS A 464 -13.27 -4.66 27.10
N ILE A 465 -14.43 -4.07 27.34
CA ILE A 465 -14.55 -2.62 27.29
C ILE A 465 -14.97 -2.08 28.64
N ILE A 466 -13.97 -1.60 29.41
CA ILE A 466 -14.19 -1.26 30.80
C ILE A 466 -13.70 0.13 31.19
N SER A 467 -14.48 0.82 32.04
CA SER A 467 -14.09 2.10 32.63
C SER A 467 -13.59 3.08 31.59
N ASN A 468 -14.25 3.12 30.45
CA ASN A 468 -13.98 4.20 29.48
C ASN A 468 -14.98 5.30 29.78
N ARG A 469 -15.19 6.21 28.86
CA ARG A 469 -16.24 7.20 29.10
C ARG A 469 -17.69 6.63 29.09
N GLY A 470 -18.49 7.03 30.07
CA GLY A 470 -19.89 6.59 30.16
C GLY A 470 -20.69 6.93 28.95
N GLU A 471 -21.51 5.98 28.52
CA GLU A 471 -22.18 6.10 27.24
C GLU A 471 -23.14 7.26 27.32
N ASN A 472 -23.69 7.44 28.50
CA ASN A 472 -24.59 8.51 28.78
C ASN A 472 -23.94 9.86 28.63
N SER A 473 -22.73 10.02 29.11
CA SER A 473 -21.95 11.20 28.87
C SER A 473 -21.55 11.37 27.45
N CYS A 474 -21.11 10.28 26.85
CA CYS A 474 -20.60 10.28 25.51
C CYS A 474 -21.78 10.61 24.61
N LYS A 475 -22.95 10.09 24.90
CA LYS A 475 -24.15 10.41 24.15
C LYS A 475 -24.58 11.84 24.27
N ALA A 476 -24.54 12.38 25.46
CA ALA A 476 -24.95 13.73 25.74
C ALA A 476 -24.05 14.80 25.21
N THR A 477 -22.81 14.45 24.95
CA THR A 477 -21.85 15.37 24.37
C THR A 477 -21.84 15.24 22.89
N GLY A 478 -22.81 14.52 22.35
CA GLY A 478 -22.89 14.35 20.91
C GLY A 478 -21.75 13.57 20.27
N GLN A 479 -20.88 12.98 21.09
CA GLN A 479 -19.82 12.15 20.58
C GLN A 479 -20.34 10.76 20.28
N VAL A 480 -21.34 10.70 19.41
CA VAL A 480 -21.91 9.44 18.97
C VAL A 480 -21.60 9.17 17.48
N CYS A 481 -21.78 7.92 17.04
CA CYS A 481 -21.59 7.59 15.64
C CYS A 481 -22.37 8.56 14.77
N HIS A 482 -21.87 8.79 13.58
CA HIS A 482 -22.52 9.62 12.58
C HIS A 482 -23.78 8.97 12.09
N ALA A 483 -24.74 9.81 11.70
CA ALA A 483 -26.05 9.32 11.25
C ALA A 483 -25.93 8.46 9.98
N LEU A 484 -24.78 8.54 9.33
CA LEU A 484 -24.60 7.82 8.09
C LEU A 484 -23.97 6.44 8.30
N CYS A 485 -23.46 6.19 9.51
CA CYS A 485 -22.87 4.91 9.85
C CYS A 485 -23.93 3.85 10.07
N SER A 486 -23.56 2.60 9.76
CA SER A 486 -24.38 1.45 10.00
C SER A 486 -24.57 1.23 11.49
N PRO A 487 -25.50 0.34 11.90
CA PRO A 487 -25.58 -0.06 13.29
C PRO A 487 -24.36 -0.80 13.82
N GLU A 488 -23.29 -0.82 13.05
CA GLU A 488 -22.16 -1.72 13.28
C GLU A 488 -21.01 -0.94 13.92
N GLY A 489 -21.21 0.35 14.18
CA GLY A 489 -20.26 1.13 14.96
C GLY A 489 -19.38 2.08 14.18
N CYS A 490 -18.46 2.72 14.89
CA CYS A 490 -17.58 3.68 14.29
C CYS A 490 -16.32 3.80 15.14
N TRP A 491 -15.28 4.39 14.55
CA TRP A 491 -14.02 4.67 15.24
C TRP A 491 -13.84 6.10 15.63
N GLY A 492 -14.90 6.89 15.42
CA GLY A 492 -14.90 8.31 15.65
C GLY A 492 -16.20 8.89 15.12
N PRO A 493 -16.37 10.22 15.25
CA PRO A 493 -17.65 10.85 14.87
C PRO A 493 -17.87 11.06 13.38
N GLU A 494 -16.81 10.99 12.58
CA GLU A 494 -16.89 11.33 11.15
C GLU A 494 -17.55 10.23 10.33
N PRO A 495 -18.08 10.58 9.14
CA PRO A 495 -18.64 9.54 8.26
C PRO A 495 -17.60 8.63 7.62
N ARG A 496 -16.32 8.91 7.84
CA ARG A 496 -15.24 8.02 7.38
C ARG A 496 -14.69 7.17 8.53
N ASP A 497 -15.33 7.28 9.68
CA ASP A 497 -14.99 6.47 10.84
C ASP A 497 -15.91 5.27 10.93
N CYS A 498 -16.88 5.17 10.02
CA CYS A 498 -17.84 4.08 10.06
C CYS A 498 -17.21 2.71 9.77
N VAL A 499 -17.91 1.65 10.17
CA VAL A 499 -17.46 0.29 9.92
C VAL A 499 -18.21 -0.21 8.71
N SER A 500 -19.47 0.10 8.58
CA SER A 500 -20.12 -0.09 7.33
C SER A 500 -20.98 1.10 7.18
N CYS A 501 -21.17 1.57 5.97
CA CYS A 501 -21.99 2.71 5.74
C CYS A 501 -23.46 2.25 5.65
N ARG A 502 -24.40 3.10 6.05
CA ARG A 502 -25.83 2.81 6.16
C ARG A 502 -26.59 2.61 4.89
N ASN A 503 -26.29 3.47 3.98
CA ASN A 503 -26.65 3.31 2.58
C ASN A 503 -25.41 2.96 1.77
N VAL A 504 -24.62 3.92 1.32
CA VAL A 504 -23.56 3.61 0.40
C VAL A 504 -22.29 4.33 0.73
N SER A 505 -21.21 4.10 0.03
CA SER A 505 -19.96 4.76 0.37
C SER A 505 -19.35 5.31 -0.89
N ARG A 506 -18.67 6.45 -0.80
CA ARG A 506 -17.94 6.93 -1.94
C ARG A 506 -16.50 6.44 -1.92
N GLY A 507 -15.72 7.05 -1.05
CA GLY A 507 -14.29 6.77 -1.10
C GLY A 507 -14.05 5.80 0.02
N ARG A 508 -13.51 6.32 1.10
CA ARG A 508 -13.66 5.75 2.40
C ARG A 508 -14.80 6.44 3.14
N GLU A 509 -15.37 7.48 2.57
CA GLU A 509 -16.46 8.19 3.18
C GLU A 509 -17.69 7.43 2.89
N CYS A 510 -18.81 7.74 3.51
CA CYS A 510 -19.90 6.79 3.60
C CYS A 510 -21.20 6.78 2.76
N VAL A 511 -22.08 7.76 2.93
CA VAL A 511 -23.34 7.69 2.21
C VAL A 511 -23.47 8.98 1.51
N ASP A 512 -24.56 9.74 1.65
CA ASP A 512 -25.98 9.39 1.79
C ASP A 512 -26.64 8.74 0.61
N LYS A 513 -26.35 9.21 -0.60
CA LYS A 513 -26.64 8.45 -1.76
C LYS A 513 -25.58 8.74 -2.82
N CYS A 514 -25.41 7.79 -3.74
CA CYS A 514 -24.50 7.89 -4.86
C CYS A 514 -25.12 8.78 -5.93
N ASN A 515 -24.27 9.53 -6.64
CA ASN A 515 -24.71 10.55 -7.60
C ASN A 515 -25.42 9.99 -8.85
N LEU A 516 -26.72 9.75 -8.73
CA LEU A 516 -27.57 9.35 -9.89
C LEU A 516 -28.45 10.27 -10.79
N LEU A 517 -28.98 11.38 -10.30
CA LEU A 517 -29.79 12.22 -11.12
C LEU A 517 -28.96 13.48 -11.04
N GLU A 518 -28.49 13.76 -9.85
CA GLU A 518 -27.62 14.89 -9.63
C GLU A 518 -26.21 14.39 -9.46
N GLY A 519 -25.23 15.06 -10.06
CA GLY A 519 -23.85 14.64 -9.85
C GLY A 519 -22.76 15.64 -10.13
N GLU A 520 -21.77 15.69 -9.23
CA GLU A 520 -20.58 16.47 -9.50
C GLU A 520 -19.87 15.76 -10.63
N PRO A 521 -19.59 14.43 -10.46
CA PRO A 521 -19.74 13.60 -11.64
C PRO A 521 -20.84 12.60 -11.35
N ARG A 522 -21.50 12.13 -12.37
CA ARG A 522 -22.52 11.14 -12.16
C ARG A 522 -21.90 9.79 -11.89
N GLU A 523 -22.64 8.93 -11.23
CA GLU A 523 -22.09 7.68 -10.79
C GLU A 523 -23.08 6.55 -10.99
N PHE A 524 -22.60 5.34 -10.66
CA PHE A 524 -23.42 4.14 -10.58
C PHE A 524 -23.01 3.34 -9.33
N VAL A 525 -23.80 2.33 -8.97
CA VAL A 525 -23.61 1.62 -7.72
C VAL A 525 -23.37 0.14 -7.90
N GLU A 526 -22.32 -0.40 -7.28
CA GLU A 526 -22.14 -1.84 -7.21
C GLU A 526 -21.47 -2.17 -5.89
N ASN A 527 -22.00 -3.18 -5.21
CA ASN A 527 -21.59 -3.53 -3.86
C ASN A 527 -21.67 -2.35 -2.92
N SER A 528 -22.73 -1.54 -3.07
CA SER A 528 -22.91 -0.34 -2.27
C SER A 528 -21.72 0.62 -2.33
N GLU A 529 -21.01 0.65 -3.45
CA GLU A 529 -19.87 1.56 -3.64
C GLU A 529 -20.25 2.50 -4.78
N CYS A 530 -20.19 3.80 -4.51
CA CYS A 530 -20.40 4.89 -5.49
C CYS A 530 -19.23 4.93 -6.42
N ILE A 531 -19.47 4.69 -7.69
CA ILE A 531 -18.42 4.67 -8.67
C ILE A 531 -18.69 5.58 -9.81
N GLN A 532 -17.69 6.35 -10.20
CA GLN A 532 -17.80 7.38 -11.19
C GLN A 532 -18.18 6.76 -12.46
N CYS A 533 -18.89 7.50 -13.29
CA CYS A 533 -19.30 7.03 -14.59
C CYS A 533 -18.23 7.58 -15.50
N HIS A 534 -18.00 6.99 -16.66
CA HIS A 534 -16.88 7.35 -17.49
C HIS A 534 -17.01 8.76 -18.01
N PRO A 535 -15.92 9.45 -18.29
CA PRO A 535 -16.01 10.89 -18.66
C PRO A 535 -16.75 11.18 -19.95
N GLU A 536 -16.54 10.36 -20.99
CA GLU A 536 -17.15 10.56 -22.29
C GLU A 536 -18.64 10.27 -22.36
N CYS A 537 -19.31 10.19 -21.22
CA CYS A 537 -20.74 9.94 -21.23
C CYS A 537 -21.51 11.09 -20.69
N LEU A 538 -22.53 11.48 -21.45
CA LEU A 538 -23.26 12.72 -21.19
C LEU A 538 -24.27 12.53 -20.07
N PRO A 539 -24.21 13.37 -19.03
CA PRO A 539 -25.13 13.23 -17.89
C PRO A 539 -26.60 13.45 -18.29
N GLN A 540 -27.45 12.47 -17.96
CA GLN A 540 -28.86 12.53 -18.26
C GLN A 540 -29.64 13.34 -17.23
N ALA A 541 -30.58 14.15 -17.72
CA ALA A 541 -31.32 15.06 -16.87
C ALA A 541 -32.54 14.39 -16.27
N MET A 542 -33.12 13.43 -16.99
CA MET A 542 -34.31 12.74 -16.50
C MET A 542 -34.02 11.33 -16.01
N ASN A 543 -32.94 10.72 -16.51
CA ASN A 543 -32.59 9.32 -16.17
C ASN A 543 -31.19 9.13 -15.60
N ILE A 544 -30.71 7.90 -15.48
CA ILE A 544 -29.31 7.62 -15.15
C ILE A 544 -28.35 7.70 -16.30
N THR A 545 -27.17 8.23 -16.02
CA THR A 545 -26.02 8.20 -16.88
C THR A 545 -25.21 6.93 -17.22
N CYS A 546 -24.89 6.09 -16.26
CA CYS A 546 -23.93 4.99 -16.45
C CYS A 546 -24.57 3.73 -15.94
N THR A 547 -24.14 2.60 -16.44
CA THR A 547 -24.44 1.33 -15.84
C THR A 547 -23.18 0.55 -15.58
N GLY A 548 -22.05 1.24 -15.62
CA GLY A 548 -20.74 0.59 -15.50
C GLY A 548 -19.62 1.56 -15.74
N ARG A 549 -18.41 1.13 -15.36
CA ARG A 549 -17.21 1.97 -15.38
C ARG A 549 -16.87 2.45 -16.75
N GLY A 550 -17.13 1.62 -17.76
CA GLY A 550 -16.60 1.86 -19.10
C GLY A 550 -17.44 2.72 -20.00
N PRO A 551 -16.88 3.07 -21.17
CA PRO A 551 -17.64 3.79 -22.21
C PRO A 551 -18.66 2.91 -22.94
N ASP A 552 -18.65 1.59 -22.66
CA ASP A 552 -19.75 0.71 -23.10
C ASP A 552 -21.01 1.04 -22.34
N ASN A 553 -20.83 1.38 -21.06
CA ASN A 553 -21.91 1.34 -20.11
C ASN A 553 -22.62 2.66 -19.95
N CYS A 554 -22.68 3.43 -21.03
CA CYS A 554 -23.36 4.71 -20.96
C CYS A 554 -24.59 4.83 -21.80
N ILE A 555 -25.52 5.60 -21.30
CA ILE A 555 -26.75 5.93 -21.96
C ILE A 555 -26.70 6.84 -23.18
N GLN A 556 -25.90 7.89 -23.11
CA GLN A 556 -25.77 8.76 -24.23
C GLN A 556 -24.35 9.13 -24.26
N CYS A 557 -23.77 9.18 -25.43
CA CYS A 557 -22.37 9.48 -25.54
C CYS A 557 -22.31 10.96 -25.81
N ALA A 558 -21.40 11.64 -25.15
CA ALA A 558 -21.27 13.08 -25.17
C ALA A 558 -20.91 13.66 -26.50
N HIS A 559 -20.02 12.96 -27.18
CA HIS A 559 -19.48 13.35 -28.47
C HIS A 559 -19.73 12.37 -29.59
N TYR A 560 -18.83 11.43 -29.78
CA TYR A 560 -18.90 10.51 -30.90
C TYR A 560 -19.05 9.12 -30.32
N ILE A 561 -19.43 8.19 -31.17
CA ILE A 561 -19.48 6.81 -30.74
C ILE A 561 -18.67 5.99 -31.74
N ASP A 562 -17.87 5.06 -31.23
CA ASP A 562 -17.08 4.17 -32.03
C ASP A 562 -17.48 2.75 -31.62
N GLY A 563 -18.32 2.15 -32.45
CA GLY A 563 -18.84 0.84 -32.14
C GLY A 563 -19.69 1.02 -30.92
N PRO A 564 -19.28 0.37 -29.84
CA PRO A 564 -19.95 0.47 -28.56
C PRO A 564 -19.46 1.57 -27.68
N HIS A 565 -18.31 2.10 -27.97
CA HIS A 565 -17.59 2.93 -27.05
C HIS A 565 -17.79 4.33 -27.38
N CYS A 566 -18.09 5.16 -26.43
CA CYS A 566 -18.36 6.55 -26.66
C CYS A 566 -17.01 7.22 -26.51
N VAL A 567 -16.57 8.01 -27.50
CA VAL A 567 -15.22 8.51 -27.57
C VAL A 567 -15.12 10.00 -27.89
N LYS A 568 -14.11 10.70 -27.41
CA LYS A 568 -14.02 12.14 -27.66
C LYS A 568 -13.69 12.61 -29.06
N THR A 569 -12.75 11.93 -29.67
CA THR A 569 -12.40 12.10 -31.05
C THR A 569 -12.28 10.72 -31.74
N CYS A 570 -12.75 10.62 -32.98
CA CYS A 570 -12.71 9.33 -33.63
C CYS A 570 -11.37 8.96 -34.15
N PRO A 571 -10.97 7.67 -33.97
CA PRO A 571 -9.62 7.22 -34.29
C PRO A 571 -9.13 7.69 -35.65
N ALA A 572 -7.98 8.38 -35.65
CA ALA A 572 -7.42 8.93 -36.87
C ALA A 572 -5.90 8.92 -36.79
N GLY A 573 -5.29 7.85 -37.28
CA GLY A 573 -3.82 7.70 -37.29
C GLY A 573 -3.31 6.57 -36.42
N VAL A 574 -4.19 5.67 -36.02
CA VAL A 574 -3.83 4.58 -35.13
C VAL A 574 -3.38 3.35 -35.94
N MET A 575 -2.39 2.65 -35.43
CA MET A 575 -1.80 1.52 -36.13
C MET A 575 -2.69 0.30 -36.07
N GLY A 576 -2.60 -0.53 -37.11
CA GLY A 576 -3.40 -1.76 -37.21
C GLY A 576 -2.63 -2.85 -37.93
N GLU A 577 -3.37 -3.82 -38.48
CA GLU A 577 -2.81 -5.01 -39.16
C GLU A 577 -2.12 -4.69 -40.48
N ASN A 578 -1.20 -5.56 -40.89
CA ASN A 578 -0.39 -5.37 -42.10
C ASN A 578 0.39 -4.04 -42.10
N ASN A 579 0.66 -3.54 -40.91
CA ASN A 579 1.43 -2.30 -40.71
C ASN A 579 0.87 -1.08 -41.42
N THR A 580 -0.42 -0.83 -41.27
CA THR A 580 -1.03 0.39 -41.82
C THR A 580 -1.84 1.17 -40.79
N LEU A 581 -1.82 2.49 -40.93
CA LEU A 581 -2.59 3.39 -40.09
C LEU A 581 -4.10 3.27 -40.36
N VAL A 582 -4.91 3.59 -39.35
CA VAL A 582 -6.37 3.49 -39.41
C VAL A 582 -6.96 4.87 -39.29
N TRP A 583 -7.88 5.16 -40.19
CA TRP A 583 -8.51 6.46 -40.29
C TRP A 583 -9.99 6.29 -40.28
N LYS A 584 -10.67 7.02 -39.39
CA LYS A 584 -12.13 7.03 -39.31
C LYS A 584 -12.61 8.45 -39.54
N TYR A 585 -13.90 8.57 -39.82
CA TYR A 585 -14.58 9.85 -39.86
C TYR A 585 -15.91 9.70 -39.11
N ALA A 586 -16.46 10.82 -38.64
CA ALA A 586 -17.77 10.84 -38.01
C ALA A 586 -18.81 11.24 -39.05
N ASP A 587 -19.97 10.61 -39.02
CA ASP A 587 -21.06 11.01 -39.87
C ASP A 587 -21.85 12.09 -39.18
N ALA A 588 -22.97 12.50 -39.77
CA ALA A 588 -23.77 13.62 -39.25
C ALA A 588 -24.36 13.28 -37.90
N GLY A 589 -24.60 12.00 -37.66
CA GLY A 589 -25.14 11.58 -36.37
C GLY A 589 -24.06 11.31 -35.34
N HIS A 590 -22.81 11.64 -35.68
CA HIS A 590 -21.64 11.55 -34.77
C HIS A 590 -21.21 10.11 -34.52
N VAL A 591 -21.68 9.19 -35.35
CA VAL A 591 -21.21 7.82 -35.30
C VAL A 591 -20.00 7.72 -36.19
N CYS A 592 -18.94 7.07 -35.72
CA CYS A 592 -17.71 7.05 -36.51
C CYS A 592 -17.50 5.83 -37.34
N HIS A 593 -17.13 6.05 -38.60
CA HIS A 593 -17.06 4.99 -39.61
C HIS A 593 -15.71 4.97 -40.24
N LEU A 594 -15.35 3.81 -40.77
CA LEU A 594 -14.04 3.56 -41.35
C LEU A 594 -13.88 4.15 -42.75
N CYS A 595 -12.67 4.63 -43.04
CA CYS A 595 -12.43 5.20 -44.33
C CYS A 595 -11.91 4.29 -45.37
N HIS A 596 -11.96 4.80 -46.59
CA HIS A 596 -11.57 4.01 -47.72
C HIS A 596 -10.10 3.68 -47.60
N PRO A 597 -9.72 2.49 -47.99
CA PRO A 597 -8.39 2.02 -47.74
C PRO A 597 -7.40 2.95 -48.40
N ASN A 598 -7.81 3.47 -49.51
CA ASN A 598 -6.99 4.35 -50.26
C ASN A 598 -6.81 5.68 -49.60
N CYS A 599 -7.65 6.01 -48.65
CA CYS A 599 -7.53 7.29 -47.99
C CYS A 599 -6.50 7.17 -46.88
N THR A 600 -5.25 6.99 -47.27
CA THR A 600 -4.11 6.70 -46.41
C THR A 600 -3.76 7.76 -45.40
N TYR A 601 -3.93 9.00 -45.79
CA TYR A 601 -3.61 10.09 -44.92
C TYR A 601 -4.84 10.61 -44.18
N GLY A 602 -5.97 9.94 -44.30
CA GLY A 602 -7.17 10.34 -43.53
C GLY A 602 -8.38 10.61 -44.41
N CYS A 603 -9.45 11.19 -43.88
CA CYS A 603 -10.73 11.33 -44.63
C CYS A 603 -11.76 12.22 -43.91
N THR A 604 -12.81 12.57 -44.62
CA THR A 604 -13.89 13.35 -44.05
C THR A 604 -15.26 12.73 -44.33
N GLY A 605 -15.29 11.73 -45.19
CA GLY A 605 -16.52 11.09 -45.61
C GLY A 605 -16.18 9.71 -46.13
N PRO A 606 -17.19 9.03 -46.65
CA PRO A 606 -17.01 7.70 -47.15
C PRO A 606 -16.47 7.69 -48.56
N GLY A 607 -15.74 6.62 -48.79
CA GLY A 607 -14.92 6.40 -49.94
C GLY A 607 -14.46 7.77 -50.19
N LEU A 608 -13.46 7.97 -51.05
CA LEU A 608 -13.19 9.25 -51.67
C LEU A 608 -14.38 9.37 -52.54
N GLU A 609 -15.14 10.45 -52.48
CA GLU A 609 -14.78 11.83 -52.38
C GLU A 609 -14.30 12.24 -51.05
N GLY A 610 -14.22 11.32 -50.11
CA GLY A 610 -13.70 11.61 -48.81
C GLY A 610 -12.26 12.04 -48.75
N CYS A 611 -11.44 11.47 -49.63
CA CYS A 611 -9.99 11.45 -49.58
C CYS A 611 -9.36 12.35 -50.65
N PRO A 612 -9.96 13.46 -51.07
CA PRO A 612 -9.36 14.15 -52.22
C PRO A 612 -7.86 14.32 -52.17
N VAL B 6 -46.90 -21.30 4.55
CA VAL B 6 -47.52 -20.01 5.01
C VAL B 6 -46.42 -19.00 5.23
N SER B 7 -46.73 -17.73 5.02
CA SER B 7 -45.80 -16.63 5.19
C SER B 7 -46.54 -15.51 5.93
N THR B 8 -45.82 -14.54 6.49
CA THR B 8 -46.43 -13.45 7.26
C THR B 8 -45.52 -12.23 7.16
N PRO B 9 -46.10 -11.03 6.89
CA PRO B 9 -45.29 -9.80 6.82
C PRO B 9 -44.45 -9.53 8.07
N ILE B 10 -43.27 -8.91 7.88
CA ILE B 10 -42.32 -8.67 8.96
C ILE B 10 -42.86 -7.75 10.06
N LYS B 11 -43.43 -6.60 9.72
CA LYS B 11 -43.89 -5.69 10.77
C LYS B 11 -45.15 -6.18 11.48
N GLN B 12 -45.72 -7.26 10.95
CA GLN B 12 -46.78 -7.93 11.67
C GLN B 12 -46.21 -8.73 12.84
N ILE B 13 -45.08 -9.40 12.62
CA ILE B 13 -44.37 -10.14 13.66
C ILE B 13 -43.61 -9.24 14.65
N PHE B 14 -42.89 -8.26 14.13
CA PHE B 14 -42.12 -7.35 14.96
C PHE B 14 -42.71 -5.93 14.96
N PRO B 15 -43.51 -5.60 15.99
CA PRO B 15 -44.22 -4.30 15.99
C PRO B 15 -43.29 -3.10 15.95
N ASP B 16 -42.11 -3.22 16.52
CA ASP B 16 -41.21 -2.08 16.59
C ASP B 16 -40.57 -1.85 15.26
N ASP B 17 -40.76 -0.63 14.74
CA ASP B 17 -40.30 -0.24 13.41
C ASP B 17 -38.83 -0.60 13.26
N ALA B 18 -38.04 -0.14 14.24
CA ALA B 18 -36.59 -0.31 14.22
C ALA B 18 -36.19 -1.76 14.19
N PHE B 19 -36.84 -2.58 15.01
CA PHE B 19 -36.55 -4.00 15.01
C PHE B 19 -37.01 -4.70 13.74
N ALA B 20 -38.15 -4.28 13.21
CA ALA B 20 -38.60 -4.82 11.94
C ALA B 20 -37.54 -4.52 10.87
N GLU B 21 -37.11 -3.25 10.78
CA GLU B 21 -36.06 -2.87 9.84
C GLU B 21 -34.81 -3.69 10.06
N THR B 22 -34.55 -4.02 11.32
CA THR B 22 -33.37 -4.80 11.69
C THR B 22 -33.43 -6.23 11.15
N ILE B 23 -34.60 -6.88 11.34
CA ILE B 23 -34.81 -8.24 10.86
C ILE B 23 -34.81 -8.25 9.34
N LYS B 24 -35.46 -7.27 8.75
CA LYS B 24 -35.44 -7.16 7.30
C LYS B 24 -34.01 -7.09 6.79
N ALA B 25 -33.21 -6.22 7.39
CA ALA B 25 -31.81 -6.10 7.03
C ALA B 25 -31.14 -7.48 7.16
N ASN B 26 -31.45 -8.17 8.26
CA ASN B 26 -30.84 -9.44 8.53
C ASN B 26 -31.07 -10.44 7.41
N LEU B 27 -32.33 -10.57 7.00
CA LEU B 27 -32.70 -11.53 5.96
C LEU B 27 -32.52 -11.03 4.53
N LYS B 28 -31.88 -9.87 4.34
CA LYS B 28 -31.65 -9.36 3.00
C LYS B 28 -32.94 -9.06 2.20
N LYS B 29 -34.07 -8.85 2.88
CA LYS B 29 -35.32 -8.54 2.21
C LYS B 29 -35.41 -7.05 1.76
N LYS B 30 -36.39 -6.71 0.94
CA LYS B 30 -36.55 -5.34 0.41
C LYS B 30 -37.34 -4.44 1.37
N SER B 31 -38.43 -4.96 1.93
CA SER B 31 -39.37 -4.16 2.74
C SER B 31 -39.89 -4.92 3.95
N VAL B 32 -40.20 -4.18 5.00
CA VAL B 32 -40.81 -4.76 6.19
C VAL B 32 -42.19 -5.37 5.92
N THR B 33 -42.72 -5.09 4.73
CA THR B 33 -44.02 -5.60 4.30
C THR B 33 -43.84 -6.95 3.61
N ASP B 34 -42.62 -7.28 3.21
CA ASP B 34 -42.34 -8.64 2.71
C ASP B 34 -42.74 -9.65 3.76
N ALA B 35 -43.23 -10.80 3.34
CA ALA B 35 -43.64 -11.84 4.28
C ALA B 35 -42.61 -12.94 4.30
N VAL B 36 -42.51 -13.65 5.43
CA VAL B 36 -41.45 -14.67 5.62
C VAL B 36 -41.97 -16.00 6.17
N THR B 37 -41.27 -17.06 5.79
CA THR B 37 -41.60 -18.41 6.16
C THR B 37 -40.84 -18.84 7.42
N GLN B 38 -41.40 -19.74 8.22
CA GLN B 38 -40.74 -20.18 9.45
C GLN B 38 -39.33 -20.67 9.20
N ASN B 39 -39.08 -21.22 8.01
CA ASN B 39 -37.74 -21.64 7.63
C ASN B 39 -36.80 -20.49 7.46
N GLU B 40 -37.32 -19.35 7.03
CA GLU B 40 -36.53 -18.11 6.98
C GLU B 40 -36.27 -17.54 8.38
N LEU B 41 -37.25 -17.68 9.26
CA LEU B 41 -37.09 -17.28 10.66
C LEU B 41 -36.08 -18.14 11.39
N ASN B 42 -36.09 -19.44 11.08
CA ASN B 42 -35.12 -20.39 11.64
C ASN B 42 -33.70 -20.22 11.11
N SER B 43 -33.49 -19.28 10.19
CA SER B 43 -32.18 -19.05 9.62
C SER B 43 -31.37 -18.10 10.47
N ILE B 44 -32.03 -17.27 11.27
CA ILE B 44 -31.33 -16.28 12.07
C ILE B 44 -30.61 -16.90 13.27
N ASP B 45 -29.28 -16.77 13.26
CA ASP B 45 -28.39 -17.25 14.32
C ASP B 45 -27.63 -16.09 14.99
N GLN B 46 -27.55 -14.93 14.32
CA GLN B 46 -27.04 -13.75 14.97
C GLN B 46 -27.84 -12.50 14.66
N ILE B 47 -27.96 -11.59 15.62
CA ILE B 47 -28.54 -10.30 15.36
C ILE B 47 -27.59 -9.28 15.95
N ILE B 48 -27.07 -8.42 15.08
CA ILE B 48 -26.27 -7.31 15.51
C ILE B 48 -27.07 -6.02 15.31
N ALA B 49 -27.70 -5.57 16.40
CA ALA B 49 -28.65 -4.48 16.38
C ALA B 49 -28.28 -3.43 17.41
N ASN B 50 -27.00 -3.21 17.65
CA ASN B 50 -26.58 -2.19 18.58
C ASN B 50 -27.00 -0.82 18.08
N ASN B 51 -27.33 0.08 19.01
CA ASN B 51 -27.65 1.50 18.70
C ASN B 51 -28.63 1.75 17.53
N SER B 52 -29.81 1.20 17.64
CA SER B 52 -30.76 1.27 16.55
C SER B 52 -32.10 1.77 17.03
N ASP B 53 -32.16 2.35 18.24
CA ASP B 53 -33.41 2.95 18.71
C ASP B 53 -34.55 1.91 18.97
N ILE B 54 -34.21 0.64 19.15
CA ILE B 54 -35.23 -0.36 19.38
C ILE B 54 -35.84 -0.21 20.79
N LYS B 55 -37.16 -0.04 20.84
CA LYS B 55 -37.89 0.05 22.11
C LYS B 55 -38.53 -1.26 22.51
N SER B 56 -38.73 -2.15 21.56
CA SER B 56 -39.25 -3.48 21.87
C SER B 56 -38.79 -4.55 20.90
N VAL B 57 -38.39 -5.70 21.47
CA VAL B 57 -37.93 -6.86 20.68
C VAL B 57 -39.04 -7.91 20.52
N GLN B 58 -40.27 -7.53 20.86
CA GLN B 58 -41.41 -8.40 20.66
C GLN B 58 -41.30 -9.01 19.27
N GLY B 59 -41.56 -10.31 19.18
CA GLY B 59 -41.41 -11.05 17.92
C GLY B 59 -40.14 -11.88 17.88
N ILE B 60 -39.21 -11.55 18.76
CA ILE B 60 -37.96 -12.28 18.81
C ILE B 60 -38.15 -13.70 19.32
N GLN B 61 -39.30 -13.98 19.92
CA GLN B 61 -39.59 -15.32 20.43
C GLN B 61 -39.63 -16.34 19.28
N TYR B 62 -39.85 -15.86 18.09
CA TYR B 62 -40.10 -16.72 16.96
C TYR B 62 -38.84 -16.98 16.19
N LEU B 63 -37.69 -16.67 16.79
CA LEU B 63 -36.37 -16.97 16.23
C LEU B 63 -35.69 -17.99 17.12
N PRO B 64 -35.97 -19.27 16.86
CA PRO B 64 -35.53 -20.25 17.87
C PRO B 64 -34.00 -20.47 17.88
N ASN B 65 -33.30 -20.12 16.80
CA ASN B 65 -31.92 -20.54 16.64
C ASN B 65 -30.87 -19.46 16.96
N VAL B 66 -31.33 -18.30 17.41
CA VAL B 66 -30.44 -17.19 17.74
C VAL B 66 -29.40 -17.55 18.79
N ARG B 67 -28.13 -17.35 18.45
CA ARG B 67 -27.01 -17.66 19.32
C ARG B 67 -26.35 -16.39 19.87
N TYR B 68 -26.21 -15.37 19.01
CA TYR B 68 -25.41 -14.19 19.28
C TYR B 68 -26.31 -12.98 19.17
N LEU B 69 -26.60 -12.32 20.27
CA LEU B 69 -27.60 -11.23 20.26
C LEU B 69 -27.06 -9.96 20.84
N ALA B 70 -26.89 -8.95 19.99
CA ALA B 70 -26.32 -7.67 20.42
C ALA B 70 -27.39 -6.59 20.35
N LEU B 71 -27.86 -6.13 21.51
CA LEU B 71 -28.90 -5.14 21.61
C LEU B 71 -28.48 -3.93 22.44
N GLY B 72 -27.18 -3.67 22.50
CA GLY B 72 -26.66 -2.65 23.38
C GLY B 72 -27.00 -1.30 22.84
N GLY B 73 -27.23 -0.35 23.73
CA GLY B 73 -27.43 1.05 23.33
C GLY B 73 -28.78 1.31 22.70
N ASN B 74 -29.80 0.53 23.10
CA ASN B 74 -31.15 0.75 22.61
C ASN B 74 -32.02 1.32 23.71
N LYS B 75 -33.34 1.30 23.56
CA LYS B 75 -34.26 1.83 24.58
C LYS B 75 -35.14 0.74 25.20
N LEU B 76 -34.60 -0.45 25.40
CA LEU B 76 -35.36 -1.56 25.94
C LEU B 76 -35.49 -1.43 27.45
N HIS B 77 -36.69 -1.73 27.96
CA HIS B 77 -36.98 -1.82 29.40
C HIS B 77 -37.54 -3.19 29.76
N ASP B 78 -37.97 -3.94 28.76
CA ASP B 78 -38.50 -5.26 28.99
C ASP B 78 -37.79 -6.27 28.05
N ILE B 79 -37.38 -7.39 28.62
CA ILE B 79 -36.66 -8.43 27.89
C ILE B 79 -37.27 -9.80 28.15
N SER B 80 -38.57 -9.84 28.41
CA SER B 80 -39.25 -11.06 28.72
C SER B 80 -39.36 -11.88 27.46
N ALA B 81 -39.23 -11.25 26.30
CA ALA B 81 -39.31 -11.98 25.03
C ALA B 81 -38.08 -12.84 24.79
N LEU B 82 -37.02 -12.60 25.55
CA LEU B 82 -35.77 -13.34 25.38
C LEU B 82 -35.79 -14.68 26.12
N LYS B 83 -36.84 -14.92 26.90
CA LYS B 83 -36.87 -16.03 27.88
C LYS B 83 -36.59 -17.36 27.26
N GLU B 84 -37.20 -17.62 26.12
CA GLU B 84 -37.20 -18.96 25.54
C GLU B 84 -36.09 -19.19 24.53
N LEU B 85 -35.29 -18.17 24.25
CA LEU B 85 -34.17 -18.30 23.32
C LEU B 85 -33.01 -19.08 23.95
N THR B 86 -33.07 -20.41 23.88
CA THR B 86 -32.24 -21.29 24.69
C THR B 86 -30.89 -21.57 24.10
N ASN B 87 -30.71 -21.23 22.83
CA ASN B 87 -29.42 -21.38 22.17
C ASN B 87 -28.50 -20.22 22.36
N LEU B 88 -29.01 -19.17 22.97
CA LEU B 88 -28.27 -17.94 23.21
C LEU B 88 -26.98 -18.21 23.97
N THR B 89 -25.87 -17.70 23.43
CA THR B 89 -24.53 -17.85 24.04
C THR B 89 -23.92 -16.49 24.36
N TYR B 90 -24.43 -15.44 23.70
CA TYR B 90 -23.96 -14.07 23.92
C TYR B 90 -25.11 -13.09 23.92
N LEU B 91 -25.23 -12.32 25.01
CA LEU B 91 -26.33 -11.38 25.16
C LEU B 91 -25.82 -10.04 25.61
N MET B 92 -25.83 -9.07 24.69
CA MET B 92 -25.34 -7.74 25.02
C MET B 92 -26.53 -6.84 25.19
N LEU B 93 -26.74 -6.32 26.40
CA LEU B 93 -27.87 -5.41 26.68
C LEU B 93 -27.39 -4.16 27.36
N HIS B 94 -26.14 -3.81 27.06
CA HIS B 94 -25.46 -2.65 27.62
C HIS B 94 -26.15 -1.35 27.23
N TYR B 95 -26.22 -0.43 28.20
CA TYR B 95 -26.79 0.91 28.01
C TYR B 95 -28.20 0.87 27.37
N ASN B 96 -29.11 0.17 28.04
CA ASN B 96 -30.52 0.20 27.70
C ASN B 96 -31.24 0.81 28.86
N GLN B 97 -32.51 0.48 29.05
CA GLN B 97 -33.32 1.15 30.09
C GLN B 97 -34.00 0.14 31.01
N LEU B 98 -33.23 -0.82 31.52
CA LEU B 98 -33.76 -1.81 32.40
C LEU B 98 -33.70 -1.26 33.81
N GLN B 99 -34.86 -1.11 34.43
CA GLN B 99 -34.90 -0.69 35.80
C GLN B 99 -35.07 -1.91 36.69
N ILE B 100 -35.59 -2.98 36.12
CA ILE B 100 -35.81 -4.18 36.90
C ILE B 100 -35.81 -5.45 36.04
N LEU B 101 -35.21 -6.52 36.55
CA LEU B 101 -35.29 -7.81 35.83
C LEU B 101 -36.39 -8.68 36.45
N PRO B 102 -37.29 -9.24 35.65
CA PRO B 102 -38.26 -10.11 36.27
C PRO B 102 -37.60 -11.39 36.75
N ASN B 103 -38.21 -12.06 37.74
CA ASN B 103 -37.75 -13.40 38.17
C ASN B 103 -37.79 -14.45 37.07
N GLY B 104 -36.83 -15.37 37.14
CA GLY B 104 -36.72 -16.47 36.21
C GLY B 104 -36.67 -16.07 34.73
N VAL B 105 -36.06 -14.91 34.47
CA VAL B 105 -35.95 -14.40 33.11
C VAL B 105 -34.81 -15.07 32.37
N PHE B 106 -33.76 -15.43 33.11
CA PHE B 106 -32.63 -16.18 32.56
C PHE B 106 -32.69 -17.68 32.83
N ASP B 107 -33.77 -18.19 33.39
CA ASP B 107 -33.82 -19.60 33.84
C ASP B 107 -33.64 -20.61 32.72
N LYS B 108 -33.99 -20.22 31.50
CA LYS B 108 -33.89 -21.07 30.34
C LYS B 108 -32.51 -20.94 29.67
N LEU B 109 -31.87 -19.78 29.79
CA LEU B 109 -30.70 -19.45 29.00
C LEU B 109 -29.45 -20.13 29.50
N THR B 110 -29.45 -21.45 29.48
CA THR B 110 -28.44 -22.25 30.13
C THR B 110 -27.13 -22.30 29.35
N ASN B 111 -27.17 -21.96 28.07
CA ASN B 111 -25.96 -22.00 27.25
C ASN B 111 -25.19 -20.69 27.25
N LEU B 112 -25.67 -19.70 28.01
CA LEU B 112 -25.09 -18.36 27.97
C LEU B 112 -23.66 -18.39 28.44
N LYS B 113 -22.78 -17.73 27.70
CA LYS B 113 -21.37 -17.63 28.07
C LYS B 113 -20.96 -16.20 28.34
N GLU B 114 -21.66 -15.22 27.76
CA GLU B 114 -21.36 -13.79 27.98
C GLU B 114 -22.65 -12.98 28.18
N LEU B 115 -22.73 -12.28 29.31
CA LEU B 115 -23.90 -11.45 29.61
C LEU B 115 -23.49 -10.05 30.06
N TYR B 116 -23.88 -9.03 29.28
CA TYR B 116 -23.56 -7.64 29.60
C TYR B 116 -24.78 -6.83 29.88
N LEU B 117 -24.89 -6.34 31.11
CA LEU B 117 -25.99 -5.46 31.51
C LEU B 117 -25.39 -4.14 32.02
N SER B 118 -24.28 -3.74 31.42
CA SER B 118 -23.31 -2.90 32.05
C SER B 118 -23.71 -1.48 32.33
N GLU B 119 -24.76 -0.96 31.71
CA GLU B 119 -25.08 0.47 31.99
C GLU B 119 -26.54 0.78 31.95
N ASN B 120 -27.32 -0.19 32.36
CA ASN B 120 -28.73 0.03 32.59
C ASN B 120 -28.87 0.69 33.93
N GLN B 121 -30.11 0.96 34.31
CA GLN B 121 -30.37 1.62 35.57
C GLN B 121 -31.03 0.65 36.56
N LEU B 122 -30.31 -0.41 36.92
CA LEU B 122 -30.77 -1.40 37.90
C LEU B 122 -30.45 -0.95 39.32
N GLN B 123 -31.30 -1.38 40.25
CA GLN B 123 -31.16 -1.00 41.67
C GLN B 123 -31.02 -2.19 42.59
N SER B 124 -31.64 -3.30 42.21
CA SER B 124 -31.44 -4.57 42.90
C SER B 124 -31.52 -5.73 41.91
N LEU B 125 -31.15 -6.93 42.35
CA LEU B 125 -31.20 -8.10 41.49
C LEU B 125 -32.16 -9.12 42.06
N PRO B 126 -32.93 -9.78 41.19
CA PRO B 126 -33.86 -10.75 41.71
C PRO B 126 -33.11 -11.88 42.40
N ASP B 127 -33.80 -12.57 43.30
CA ASP B 127 -33.18 -13.55 44.16
C ASP B 127 -32.92 -14.82 43.35
N GLY B 128 -31.65 -15.12 43.08
CA GLY B 128 -31.27 -16.30 42.31
C GLY B 128 -31.40 -16.10 40.81
N VAL B 129 -31.21 -14.87 40.34
CA VAL B 129 -31.44 -14.49 38.95
C VAL B 129 -30.44 -15.14 37.99
N PHE B 130 -29.24 -15.46 38.45
CA PHE B 130 -28.19 -15.99 37.57
C PHE B 130 -27.89 -17.48 37.83
N ASP B 131 -28.74 -18.14 38.62
CA ASP B 131 -28.44 -19.49 39.14
C ASP B 131 -28.39 -20.59 38.06
N LYS B 132 -29.18 -20.44 37.00
CA LYS B 132 -29.18 -21.46 35.97
C LYS B 132 -28.09 -21.25 34.92
N LEU B 133 -27.22 -20.28 35.12
CA LEU B 133 -26.24 -19.88 34.12
C LEU B 133 -24.88 -20.47 34.41
N THR B 134 -24.83 -21.80 34.55
CA THR B 134 -23.62 -22.43 35.09
C THR B 134 -22.45 -22.35 34.12
N ASN B 135 -22.72 -22.08 32.86
CA ASN B 135 -21.67 -21.95 31.84
C ASN B 135 -21.09 -20.54 31.63
N LEU B 136 -21.66 -19.56 32.30
CA LEU B 136 -21.33 -18.16 32.07
C LEU B 136 -19.88 -17.91 32.41
N THR B 137 -19.19 -17.13 31.55
CA THR B 137 -17.76 -16.82 31.75
C THR B 137 -17.50 -15.34 31.94
N GLU B 138 -18.42 -14.51 31.48
CA GLU B 138 -18.33 -13.05 31.66
C GLU B 138 -19.68 -12.45 32.07
N LEU B 139 -19.67 -11.76 33.19
CA LEU B 139 -20.83 -11.04 33.68
C LEU B 139 -20.49 -9.59 33.98
N ASP B 140 -21.10 -8.69 33.21
CA ASP B 140 -20.90 -7.24 33.35
C ASP B 140 -22.12 -6.56 33.98
N LEU B 141 -21.97 -6.05 35.20
CA LEU B 141 -23.06 -5.38 35.89
C LEU B 141 -22.64 -3.97 36.29
N ALA B 142 -21.58 -3.47 35.66
CA ALA B 142 -20.98 -2.19 36.03
C ALA B 142 -21.95 -1.06 35.79
N ARG B 143 -21.61 0.11 36.30
CA ARG B 143 -22.33 1.35 36.04
C ARG B 143 -23.85 1.21 36.02
N ASN B 144 -24.40 0.53 37.00
CA ASN B 144 -25.82 0.54 37.26
C ASN B 144 -25.99 1.38 38.50
N GLN B 145 -27.12 1.22 39.19
CA GLN B 145 -27.38 1.93 40.45
C GLN B 145 -27.60 0.90 41.55
N LEU B 146 -26.86 -0.21 41.53
CA LEU B 146 -27.08 -1.33 42.43
C LEU B 146 -26.86 -0.96 43.88
N GLN B 147 -27.86 -1.27 44.72
CA GLN B 147 -27.89 -0.92 46.14
C GLN B 147 -27.34 -2.04 47.02
N SER B 148 -27.66 -3.29 46.68
CA SER B 148 -27.26 -4.46 47.44
C SER B 148 -27.36 -5.74 46.59
N LEU B 149 -26.56 -6.74 46.93
CA LEU B 149 -26.61 -8.02 46.20
C LEU B 149 -27.41 -9.06 46.97
N PRO B 150 -28.24 -9.88 46.28
CA PRO B 150 -28.92 -10.94 46.99
C PRO B 150 -27.88 -11.93 47.50
N LYS B 151 -28.16 -12.59 48.62
CA LYS B 151 -27.24 -13.58 49.15
C LYS B 151 -27.03 -14.74 48.16
N GLY B 152 -25.78 -15.16 48.02
CA GLY B 152 -25.44 -16.25 47.12
C GLY B 152 -25.88 -16.07 45.67
N VAL B 153 -25.92 -14.81 45.24
CA VAL B 153 -26.30 -14.41 43.89
C VAL B 153 -25.34 -14.99 42.84
N PHE B 154 -24.06 -15.13 43.23
CA PHE B 154 -23.05 -15.67 42.33
C PHE B 154 -22.67 -17.14 42.56
N ASP B 155 -23.33 -17.76 43.53
CA ASP B 155 -23.01 -19.10 44.00
C ASP B 155 -22.90 -20.16 42.90
N LYS B 156 -23.69 -20.04 41.84
CA LYS B 156 -23.65 -21.06 40.79
C LYS B 156 -22.59 -20.78 39.69
N LEU B 157 -21.98 -19.60 39.73
CA LEU B 157 -21.13 -19.16 38.61
C LEU B 157 -19.65 -19.63 38.72
N THR B 158 -19.46 -20.93 38.55
CA THR B 158 -18.16 -21.55 38.76
C THR B 158 -17.27 -21.48 37.53
N GLN B 159 -17.84 -21.25 36.35
CA GLN B 159 -17.05 -21.06 35.16
C GLN B 159 -16.64 -19.60 35.00
N LEU B 160 -17.35 -18.70 35.68
CA LEU B 160 -17.16 -17.24 35.50
C LEU B 160 -15.72 -16.83 35.70
N LYS B 161 -15.15 -16.13 34.72
CA LYS B 161 -13.75 -15.65 34.79
C LYS B 161 -13.65 -14.13 34.96
N ASP B 162 -14.75 -13.43 34.69
CA ASP B 162 -14.74 -11.99 34.70
C ASP B 162 -16.07 -11.44 35.25
N LEU B 163 -15.98 -10.76 36.39
CA LEU B 163 -17.14 -10.16 37.04
C LEU B 163 -16.96 -8.64 37.13
N ARG B 164 -17.97 -7.88 36.73
CA ARG B 164 -17.83 -6.44 36.75
C ARG B 164 -18.94 -5.79 37.57
N LEU B 165 -18.52 -5.16 38.67
CA LEU B 165 -19.41 -4.50 39.58
C LEU B 165 -19.03 -3.03 39.81
N TYR B 166 -17.96 -2.55 39.16
CA TYR B 166 -17.50 -1.18 39.37
C TYR B 166 -18.59 -0.13 39.12
N GLN B 167 -18.45 1.01 39.79
CA GLN B 167 -19.39 2.12 39.66
C GLN B 167 -20.84 1.71 39.92
N ASN B 168 -21.06 1.16 41.09
CA ASN B 168 -22.42 0.94 41.59
C ASN B 168 -22.61 1.67 42.90
N GLN B 169 -23.63 1.30 43.67
CA GLN B 169 -23.90 1.95 44.94
C GLN B 169 -23.91 0.91 46.09
N LEU B 170 -22.99 -0.05 46.00
CA LEU B 170 -22.84 -1.07 47.03
C LEU B 170 -21.99 -0.53 48.17
N LYS B 171 -22.42 -0.82 49.39
CA LYS B 171 -21.70 -0.45 50.62
C LYS B 171 -21.22 -1.70 51.33
N SER B 172 -21.87 -2.83 51.04
CA SER B 172 -21.50 -4.11 51.61
C SER B 172 -21.89 -5.24 50.68
N VAL B 173 -21.15 -6.35 50.72
CA VAL B 173 -21.51 -7.55 49.95
C VAL B 173 -21.83 -8.61 50.96
N PRO B 174 -22.73 -9.55 50.60
CA PRO B 174 -23.02 -10.62 51.55
C PRO B 174 -21.76 -11.40 51.89
N ASP B 175 -21.68 -11.96 53.08
CA ASP B 175 -20.51 -12.76 53.41
C ASP B 175 -20.42 -13.95 52.46
N GLY B 176 -19.22 -14.23 52.02
CA GLY B 176 -18.94 -15.40 51.21
C GLY B 176 -19.50 -15.32 49.82
N VAL B 177 -19.86 -14.11 49.37
CA VAL B 177 -20.55 -13.93 48.10
C VAL B 177 -19.74 -14.38 46.90
N PHE B 178 -18.41 -14.33 47.00
CA PHE B 178 -17.53 -14.67 45.88
C PHE B 178 -16.90 -16.04 46.01
N ASP B 179 -17.19 -16.72 47.11
CA ASP B 179 -16.44 -17.93 47.48
C ASP B 179 -16.45 -18.99 46.39
N ARG B 180 -17.55 -19.10 45.65
CA ARG B 180 -17.68 -20.19 44.66
C ARG B 180 -17.14 -19.85 43.27
N LEU B 181 -16.50 -18.70 43.15
CA LEU B 181 -15.99 -18.27 41.86
C LEU B 181 -14.56 -18.81 41.65
N THR B 182 -14.47 -20.14 41.54
CA THR B 182 -13.18 -20.82 41.48
C THR B 182 -12.41 -20.58 40.17
N SER B 183 -13.08 -20.03 39.17
CA SER B 183 -12.40 -19.79 37.91
C SER B 183 -12.14 -18.31 37.64
N LEU B 184 -12.45 -17.46 38.63
CA LEU B 184 -12.39 -16.02 38.47
C LEU B 184 -10.96 -15.52 38.27
N GLN B 185 -10.79 -14.66 37.26
CA GLN B 185 -9.48 -14.10 36.87
C GLN B 185 -9.48 -12.58 36.90
N TYR B 186 -10.67 -11.99 36.75
CA TYR B 186 -10.84 -10.53 36.75
C TYR B 186 -12.08 -10.15 37.56
N ILE B 187 -11.89 -9.24 38.51
CA ILE B 187 -13.01 -8.64 39.21
C ILE B 187 -12.79 -7.14 39.36
N TRP B 188 -13.88 -6.39 39.22
CA TRP B 188 -13.81 -4.94 39.33
C TRP B 188 -14.73 -4.50 40.42
N LEU B 189 -14.16 -3.79 41.40
CA LEU B 189 -14.89 -3.44 42.61
C LEU B 189 -14.93 -1.94 42.87
N HIS B 190 -14.09 -1.20 42.13
CA HIS B 190 -13.81 0.20 42.45
C HIS B 190 -15.01 1.06 42.24
N ASP B 191 -14.90 2.32 42.67
CA ASP B 191 -16.01 3.28 42.63
C ASP B 191 -17.28 2.73 43.24
N ASN B 192 -17.16 2.17 44.42
CA ASN B 192 -18.31 1.92 45.27
C ASN B 192 -18.05 2.56 46.64
N PRO B 193 -19.10 3.07 47.29
CA PRO B 193 -18.91 3.63 48.62
C PRO B 193 -18.93 2.53 49.70
N TRP B 194 -17.89 1.69 49.67
CA TRP B 194 -17.75 0.58 50.60
C TRP B 194 -17.74 1.05 52.03
N ASP B 195 -18.61 0.45 52.84
CA ASP B 195 -18.69 0.80 54.23
C ASP B 195 -17.68 -0.05 54.99
N CYS B 196 -16.51 0.52 55.21
CA CYS B 196 -15.38 -0.15 55.83
C CYS B 196 -15.56 -0.13 57.35
N THR B 197 -16.69 -0.57 57.84
CA THR B 197 -16.88 -0.58 59.26
C THR B 197 -16.74 -1.97 59.69
N CYS B 198 -15.76 -2.25 60.53
CA CYS B 198 -15.64 -3.55 61.09
C CYS B 198 -16.75 -3.57 62.10
N PRO B 199 -17.47 -4.74 62.40
CA PRO B 199 -16.95 -5.98 61.84
C PRO B 199 -17.58 -6.35 60.53
N GLY B 200 -18.33 -5.45 59.94
CA GLY B 200 -19.02 -5.71 58.69
C GLY B 200 -18.11 -5.99 57.53
N ILE B 201 -17.00 -5.29 57.47
CA ILE B 201 -16.20 -5.34 56.28
C ILE B 201 -15.14 -6.42 56.28
N ARG B 202 -15.21 -7.34 57.23
CA ARG B 202 -14.20 -8.35 57.41
C ARG B 202 -14.07 -9.24 56.20
N TYR B 203 -15.19 -9.76 55.71
CA TYR B 203 -15.12 -10.73 54.63
C TYR B 203 -14.53 -10.14 53.36
N LEU B 204 -14.90 -8.90 53.04
CA LEU B 204 -14.42 -8.30 51.82
C LEU B 204 -12.93 -7.99 51.90
N SER B 205 -12.46 -7.51 53.05
CA SER B 205 -11.01 -7.34 53.27
C SER B 205 -10.31 -8.67 53.15
N GLU B 206 -10.81 -9.66 53.89
CA GLU B 206 -10.21 -10.97 53.85
C GLU B 206 -10.11 -11.48 52.42
N TRP B 207 -11.23 -11.42 51.70
CA TRP B 207 -11.32 -11.96 50.35
C TRP B 207 -10.43 -11.26 49.36
N ILE B 208 -10.42 -9.93 49.39
CA ILE B 208 -9.52 -9.16 48.54
C ILE B 208 -8.07 -9.55 48.80
N ASN B 209 -7.74 -9.68 50.08
CA ASN B 209 -6.37 -10.03 50.48
C ASN B 209 -6.03 -11.42 50.03
N LYS B 210 -6.97 -12.35 50.24
CA LYS B 210 -6.76 -13.74 49.85
C LYS B 210 -6.56 -13.90 48.34
N HIS B 211 -7.23 -13.05 47.55
CA HIS B 211 -7.17 -13.09 46.09
C HIS B 211 -6.79 -11.76 45.50
N SER B 212 -5.65 -11.23 45.92
CA SER B 212 -5.26 -9.88 45.49
C SER B 212 -4.94 -9.83 44.01
N GLY B 213 -4.58 -10.98 43.44
CA GLY B 213 -4.17 -11.05 42.03
C GLY B 213 -5.33 -10.83 41.07
N VAL B 214 -6.51 -11.24 41.53
CA VAL B 214 -7.74 -11.16 40.75
C VAL B 214 -8.26 -9.71 40.59
N VAL B 215 -8.11 -8.89 41.63
CA VAL B 215 -8.76 -7.57 41.73
C VAL B 215 -8.05 -6.61 40.84
N ARG B 216 -8.83 -5.92 40.01
CA ARG B 216 -8.30 -5.11 38.92
C ARG B 216 -8.77 -3.67 38.97
N ASN B 217 -8.01 -2.77 38.33
CA ASN B 217 -8.35 -1.36 38.26
C ASN B 217 -8.89 -0.94 36.87
N SER B 218 -9.05 0.36 36.65
CA SER B 218 -9.51 0.90 35.37
C SER B 218 -8.72 0.44 34.16
N ALA B 219 -7.46 0.10 34.35
CA ALA B 219 -6.59 -0.28 33.26
C ALA B 219 -6.40 -1.82 33.15
N GLY B 220 -7.23 -2.57 33.87
CA GLY B 220 -7.14 -4.02 33.87
C GLY B 220 -5.95 -4.57 34.62
N SER B 221 -5.23 -3.68 35.32
CA SER B 221 -4.03 -4.10 36.02
C SER B 221 -4.39 -4.62 37.40
N VAL B 222 -3.59 -5.55 37.92
CA VAL B 222 -3.72 -6.03 39.30
C VAL B 222 -3.56 -4.83 40.22
N ALA B 223 -4.60 -4.56 40.99
CA ALA B 223 -4.66 -3.37 41.86
C ALA B 223 -5.67 -3.63 42.97
N PRO B 224 -5.25 -4.39 44.00
CA PRO B 224 -6.14 -4.73 45.11
C PRO B 224 -6.54 -3.54 45.97
N ASP B 225 -5.78 -2.45 45.89
CA ASP B 225 -6.20 -1.24 46.58
C ASP B 225 -7.39 -0.49 45.96
N SER B 226 -7.75 -0.87 44.73
CA SER B 226 -8.80 -0.19 43.95
C SER B 226 -10.14 -0.02 44.68
N ALA B 227 -10.54 -1.03 45.45
CA ALA B 227 -11.72 -0.89 46.29
C ALA B 227 -11.38 0.06 47.47
N LYS B 228 -12.21 1.07 47.69
CA LYS B 228 -11.90 2.11 48.65
C LYS B 228 -13.06 2.32 49.60
N CYS B 229 -12.76 2.52 50.89
CA CYS B 229 -13.71 2.89 51.95
C CYS B 229 -14.25 4.30 51.69
N SER B 230 -15.55 4.47 51.81
CA SER B 230 -16.18 5.78 51.71
C SER B 230 -15.89 6.60 52.98
N GLY B 231 -15.82 7.92 52.82
CA GLY B 231 -15.33 8.83 53.87
C GLY B 231 -13.81 8.80 53.92
N SER B 232 -13.24 7.69 54.41
CA SER B 232 -11.77 7.53 54.46
C SER B 232 -11.07 7.63 53.10
N GLY B 233 -11.61 6.94 52.09
CA GLY B 233 -10.93 6.78 50.81
C GLY B 233 -9.69 5.90 50.88
N LYS B 234 -9.64 5.00 51.86
CA LYS B 234 -8.47 4.14 52.03
C LYS B 234 -8.78 2.70 51.57
N PRO B 235 -7.77 1.96 51.14
CA PRO B 235 -7.99 0.62 50.61
C PRO B 235 -8.80 -0.27 51.56
N VAL B 236 -9.80 -0.99 51.04
CA VAL B 236 -10.63 -1.90 51.85
C VAL B 236 -9.77 -2.97 52.51
N ARG B 237 -8.84 -3.54 51.75
CA ARG B 237 -8.06 -4.65 52.27
C ARG B 237 -7.12 -4.20 53.38
N SER B 238 -6.94 -2.89 53.54
CA SER B 238 -6.09 -2.36 54.59
C SER B 238 -6.84 -2.28 55.92
N ILE B 239 -8.02 -2.85 55.99
CA ILE B 239 -8.82 -2.74 57.16
C ILE B 239 -8.85 -4.07 57.89
N ILE B 240 -8.41 -4.07 59.13
CA ILE B 240 -8.40 -5.28 59.90
C ILE B 240 -9.51 -5.15 60.88
N CYS B 241 -10.49 -6.02 60.77
CA CYS B 241 -11.61 -5.93 61.64
C CYS B 241 -11.38 -7.08 62.55
N PRO B 242 -11.22 -6.72 63.89
CA PRO B 242 -10.69 -7.80 64.70
C PRO B 242 -11.67 -8.32 65.72
N THR B 243 -11.89 -9.62 65.66
CA THR B 243 -12.54 -10.47 66.69
C THR B 243 -13.29 -9.69 67.79
#